data_4XEU
#
_entry.id   4XEU
#
_cell.length_a   76.150
_cell.length_b   76.150
_cell.length_c   193.610
_cell.angle_alpha   90.000
_cell.angle_beta   90.000
_cell.angle_gamma   120.000
#
_symmetry.space_group_name_H-M   'P 31 2 1'
#
loop_
_entity.id
_entity.type
_entity.pdbx_description
1 polymer Transketolase
2 non-polymer 1,2-ETHANEDIOL
3 non-polymer 'CALCIUM ION'
4 water water
#
_entity_poly.entity_id   1
_entity_poly.type   'polypeptide(L)'
_entity_poly.pdbx_seq_one_letter_code
;MAHHHHHHMPSRRERANAIRALSMDAVQKANSGHPGAPMGMADIAEVLWRDYMQHNPSNPQWANRDRFVLSNGHGSMLIY
SLLHLTGYDLGIEDLKNFRQLNSRTPGHPEYGYTAGVETTTGPLGQGIANAVGMALAEKVLAAQFNRDGHAVVDHYTYAF
LGDGCMMEGISHEVASLAGTLRLNKLIAFYDDNGISIDGEVHGWFTDDTPKRFEAYGWQVIRNVDGHDADEIKTAIDTAR
KSDQPTLICCKTVIGFGSPNKQGKEECHGAPLGADEIAATRAALGWEHAPFEIPAQIYAEWDAKETGAAQEAEWNKRFAA
YQAAHPELAAELLRRLKGELPADFAEKAAAYVADVANKGETIASRKASQNALNAFGPLLPELLGGSADLAGSNLTLWKGC
KGVSADDAAGNYVFYGVREFGMSAIMNGVALHGGFIPYGATFLIFMEYARNAVRMSALMKQRVLYVFTHDSIGLGEDGPT
HQPIEQLASLRLTPNLDTWRPADAVESAVAWKHAIERADGPSALIFSRQNLPHQARDVAQVADIARGGYVLKDCEGEPEL
ILIATGSEVGLAVQAYDKLSEQGRKVRVVSMPCTSVYEQQDESYKQSVLPVEVGARIAIEAAHADYWYKYVGLDGRIIGM
TSFGESAPAPALFEHFGFTLDNVLAVAEELLED
;
_entity_poly.pdbx_strand_id   A
#
loop_
_chem_comp.id
_chem_comp.type
_chem_comp.name
_chem_comp.formula
CA non-polymer 'CALCIUM ION' 'Ca 2'
EDO non-polymer 1,2-ETHANEDIOL 'C2 H6 O2'
#
# COMPACT_ATOMS: atom_id res chain seq x y z
N MET A 9 33.09 -23.87 -21.61
CA MET A 9 31.61 -23.60 -21.63
C MET A 9 31.04 -23.79 -20.25
N PRO A 10 30.69 -22.69 -19.59
CA PRO A 10 30.04 -22.76 -18.27
C PRO A 10 28.77 -23.63 -18.29
N SER A 11 28.61 -24.46 -17.27
CA SER A 11 27.37 -25.17 -17.09
C SER A 11 26.32 -24.23 -16.48
N ARG A 12 25.08 -24.70 -16.46
CA ARG A 12 24.05 -24.05 -15.65
C ARG A 12 24.51 -23.83 -14.21
N ARG A 13 25.05 -24.87 -13.60
CA ARG A 13 25.51 -24.82 -12.20
C ARG A 13 26.59 -23.75 -12.02
N GLU A 14 27.53 -23.67 -12.95
CA GLU A 14 28.53 -22.61 -12.82
C GLU A 14 27.93 -21.21 -12.87
N ARG A 15 26.98 -21.00 -13.76
CA ARG A 15 26.28 -19.73 -13.84
C ARG A 15 25.48 -19.44 -12.55
N ALA A 16 24.82 -20.46 -12.03
CA ALA A 16 24.05 -20.32 -10.76
C ALA A 16 24.99 -20.02 -9.59
N ASN A 17 26.16 -20.64 -9.63
CA ASN A 17 27.17 -20.40 -8.61
C ASN A 17 27.72 -18.98 -8.55
N ALA A 18 27.61 -18.23 -9.63
CA ALA A 18 27.94 -16.81 -9.59
C ALA A 18 27.02 -16.08 -8.60
N ILE A 19 25.74 -16.48 -8.57
CA ILE A 19 24.82 -15.88 -7.59
C ILE A 19 25.27 -16.25 -6.19
N ARG A 20 25.64 -17.50 -6.01
CA ARG A 20 26.09 -17.98 -4.72
C ARG A 20 27.36 -17.26 -4.26
N ALA A 21 28.33 -17.12 -5.17
CA ALA A 21 29.59 -16.43 -4.86
C ALA A 21 29.40 -14.97 -4.47
N LEU A 22 28.66 -14.22 -5.28
CA LEU A 22 28.40 -12.80 -4.98
C LEU A 22 27.63 -12.63 -3.66
N SER A 23 26.66 -13.51 -3.43
CA SER A 23 25.87 -13.42 -2.21
C SER A 23 26.70 -13.61 -0.96
N MET A 24 27.46 -14.66 -0.94
CA MET A 24 28.26 -14.93 0.22
C MET A 24 29.39 -13.91 0.43
N ASP A 25 29.99 -13.41 -0.65
CA ASP A 25 31.08 -12.41 -0.55
C ASP A 25 30.51 -11.06 -0.08
N ALA A 26 29.31 -10.70 -0.55
CA ALA A 26 28.65 -9.48 -0.08
C ALA A 26 28.27 -9.53 1.40
N VAL A 27 27.73 -10.66 1.84
CA VAL A 27 27.35 -10.81 3.23
C VAL A 27 28.60 -10.74 4.12
N GLN A 28 29.64 -11.44 3.69
CA GLN A 28 30.90 -11.46 4.40
C GLN A 28 31.51 -10.06 4.56
N LYS A 29 31.54 -9.31 3.47
CA LYS A 29 32.13 -7.98 3.53
C LYS A 29 31.31 -7.06 4.42
N ALA A 30 29.98 -7.14 4.34
CA ALA A 30 29.16 -6.33 5.22
C ALA A 30 29.19 -6.83 6.68
N ASN A 31 29.63 -8.07 6.90
CA ASN A 31 29.51 -8.76 8.19
C ASN A 31 28.06 -8.69 8.68
N SER A 32 27.12 -8.85 7.74
CA SER A 32 25.69 -8.69 8.08
C SER A 32 24.86 -9.27 6.93
N GLY A 33 23.72 -9.86 7.27
CA GLY A 33 22.80 -10.40 6.29
C GLY A 33 22.87 -11.90 6.25
N HIS A 34 22.07 -12.52 5.41
CA HIS A 34 21.99 -13.98 5.39
C HIS A 34 21.87 -14.45 3.95
N PRO A 35 22.75 -15.35 3.54
CA PRO A 35 22.78 -15.84 2.16
C PRO A 35 21.88 -17.08 1.91
N GLY A 36 20.88 -17.28 2.76
CA GLY A 36 19.98 -18.44 2.66
C GLY A 36 19.37 -18.63 1.28
N ALA A 37 18.52 -17.70 0.88
CA ALA A 37 17.76 -17.83 -0.30
C ALA A 37 18.63 -17.92 -1.57
N PRO A 38 19.64 -17.04 -1.70
CA PRO A 38 20.47 -17.20 -2.88
C PRO A 38 21.18 -18.55 -2.91
N MET A 39 21.63 -19.07 -1.77
CA MET A 39 22.30 -20.36 -1.77
C MET A 39 21.37 -21.46 -2.22
N GLY A 40 20.20 -21.50 -1.61
CA GLY A 40 19.23 -22.51 -1.98
C GLY A 40 18.59 -22.41 -3.36
N MET A 41 18.27 -21.21 -3.79
CA MET A 41 17.43 -20.97 -5.00
C MET A 41 18.15 -20.56 -6.28
N ALA A 42 19.49 -20.49 -6.22
CA ALA A 42 20.24 -20.04 -7.39
C ALA A 42 20.02 -20.83 -8.68
N ASP A 43 19.90 -22.16 -8.61
CA ASP A 43 19.68 -22.98 -9.82
C ASP A 43 18.31 -22.69 -10.42
N ILE A 44 17.32 -22.49 -9.55
CA ILE A 44 15.95 -22.18 -9.98
C ILE A 44 15.98 -20.82 -10.67
N ALA A 45 16.65 -19.85 -10.07
CA ALA A 45 16.75 -18.51 -10.64
C ALA A 45 17.45 -18.51 -12.00
N GLU A 46 18.47 -19.34 -12.16
CA GLU A 46 19.20 -19.43 -13.42
C GLU A 46 18.32 -19.92 -14.55
N VAL A 47 17.44 -20.87 -14.28
CA VAL A 47 16.47 -21.29 -15.29
C VAL A 47 15.46 -20.19 -15.53
N LEU A 48 14.82 -19.75 -14.47
CA LEU A 48 13.72 -18.82 -14.56
C LEU A 48 14.15 -17.54 -15.25
N TRP A 49 15.27 -16.95 -14.80
CA TRP A 49 15.67 -15.65 -15.35
C TRP A 49 16.33 -15.74 -16.77
N ARG A 50 17.12 -16.78 -17.02
CA ARG A 50 17.73 -16.88 -18.32
C ARG A 50 16.81 -17.46 -19.38
N ASP A 51 15.91 -18.37 -19.03
CA ASP A 51 15.14 -19.05 -20.04
C ASP A 51 13.71 -18.51 -20.16
N TYR A 52 13.19 -17.78 -19.15
CA TYR A 52 11.75 -17.45 -19.16
C TYR A 52 11.40 -16.00 -18.96
N MET A 53 12.10 -15.33 -18.07
CA MET A 53 11.76 -13.97 -17.70
C MET A 53 11.84 -12.97 -18.85
N GLN A 54 10.77 -12.21 -19.09
CA GLN A 54 10.77 -11.15 -20.12
C GLN A 54 11.00 -9.85 -19.43
N HIS A 55 12.15 -9.26 -19.74
CA HIS A 55 12.53 -8.06 -19.05
C HIS A 55 13.63 -7.37 -19.80
N ASN A 56 13.73 -6.07 -19.60
CA ASN A 56 14.78 -5.25 -20.21
C ASN A 56 15.58 -4.47 -19.18
N PRO A 57 16.81 -4.90 -18.93
CA PRO A 57 17.61 -4.19 -17.97
C PRO A 57 17.78 -2.70 -18.30
N SER A 58 17.75 -2.34 -19.59
CA SER A 58 17.88 -0.94 -19.97
C SER A 58 16.64 -0.14 -19.67
N ASN A 59 15.50 -0.81 -19.52
CA ASN A 59 14.29 -0.14 -19.12
C ASN A 59 13.49 -1.01 -18.12
N PRO A 60 13.78 -0.87 -16.82
CA PRO A 60 13.06 -1.65 -15.80
C PRO A 60 11.63 -1.20 -15.65
N GLN A 61 11.24 -0.13 -16.35
CA GLN A 61 9.85 0.33 -16.29
C GLN A 61 9.04 -0.13 -17.52
N TRP A 62 9.58 -0.98 -18.39
CA TRP A 62 8.81 -1.50 -19.54
C TRP A 62 7.49 -2.07 -19.01
N ALA A 63 6.37 -1.50 -19.49
CA ALA A 63 5.03 -1.82 -18.95
C ALA A 63 4.66 -3.27 -19.04
N ASN A 64 5.15 -3.98 -20.05
CA ASN A 64 4.78 -5.38 -20.20
C ASN A 64 5.87 -6.39 -19.76
N ARG A 65 6.91 -5.94 -19.05
CA ARG A 65 7.85 -6.88 -18.39
C ARG A 65 7.11 -7.91 -17.49
N ASP A 66 7.63 -9.15 -17.39
CA ASP A 66 7.27 -10.04 -16.28
C ASP A 66 7.67 -9.41 -14.95
N ARG A 67 6.90 -9.68 -13.89
CA ARG A 67 7.22 -9.19 -12.54
C ARG A 67 7.78 -10.33 -11.68
N PHE A 68 8.89 -10.06 -11.04
CA PHE A 68 9.49 -11.01 -10.10
C PHE A 68 9.47 -10.43 -8.70
N VAL A 69 9.03 -11.25 -7.75
CA VAL A 69 8.95 -10.83 -6.35
C VAL A 69 9.64 -11.85 -5.47
N LEU A 70 10.59 -11.37 -4.70
CA LEU A 70 11.26 -12.20 -3.72
C LEU A 70 10.52 -11.97 -2.42
N SER A 71 9.73 -12.96 -2.01
CA SER A 71 8.99 -12.80 -0.75
C SER A 71 9.95 -13.12 0.44
N ASN A 72 10.87 -14.06 0.28
CA ASN A 72 11.91 -14.28 1.34
C ASN A 72 12.80 -13.02 1.44
N GLY A 73 12.26 -11.89 1.97
CA GLY A 73 12.99 -10.57 2.02
C GLY A 73 14.48 -10.54 2.43
N HIS A 74 14.81 -11.28 3.49
CA HIS A 74 16.19 -11.60 3.88
C HIS A 74 17.13 -12.13 2.75
N GLY A 75 16.58 -12.78 1.72
CA GLY A 75 17.34 -13.19 0.54
C GLY A 75 17.76 -12.09 -0.41
N SER A 76 17.93 -10.86 0.11
CA SER A 76 18.16 -9.71 -0.76
C SER A 76 19.32 -9.86 -1.77
N MET A 77 20.39 -10.55 -1.40
CA MET A 77 21.52 -10.70 -2.32
C MET A 77 21.13 -11.54 -3.55
N LEU A 78 20.06 -12.34 -3.47
CA LEU A 78 19.63 -13.06 -4.62
C LEU A 78 19.20 -12.07 -5.70
N ILE A 79 18.38 -11.09 -5.33
CA ILE A 79 17.90 -10.19 -6.35
C ILE A 79 19.00 -9.23 -6.81
N TYR A 80 19.79 -8.71 -5.87
CA TYR A 80 20.93 -7.86 -6.26
C TYR A 80 21.89 -8.62 -7.18
N SER A 81 22.18 -9.90 -6.88
CA SER A 81 22.98 -10.69 -7.82
C SER A 81 22.36 -10.78 -9.24
N LEU A 82 21.07 -11.07 -9.29
CA LEU A 82 20.37 -11.26 -10.60
C LEU A 82 20.40 -9.96 -11.40
N LEU A 83 20.13 -8.87 -10.73
CA LEU A 83 20.05 -7.59 -11.39
C LEU A 83 21.43 -7.18 -11.90
N HIS A 84 22.44 -7.37 -11.09
CA HIS A 84 23.80 -7.14 -11.52
C HIS A 84 24.21 -8.05 -12.67
N LEU A 85 24.01 -9.34 -12.51
CA LEU A 85 24.43 -10.23 -13.55
C LEU A 85 23.72 -10.03 -14.89
N THR A 86 22.45 -9.64 -14.88
CA THR A 86 21.72 -9.61 -16.14
C THR A 86 21.84 -8.25 -16.84
N GLY A 87 22.53 -7.31 -16.20
CA GLY A 87 22.87 -6.06 -16.82
C GLY A 87 22.15 -4.81 -16.37
N TYR A 88 21.46 -4.84 -15.23
CA TYR A 88 20.79 -3.64 -14.73
C TYR A 88 21.83 -2.63 -14.24
N ASP A 89 21.38 -1.41 -13.92
CA ASP A 89 22.29 -0.39 -13.40
C ASP A 89 22.54 -0.66 -11.92
N LEU A 90 23.31 -1.71 -11.66
CA LEU A 90 23.70 -2.10 -10.31
C LEU A 90 25.00 -2.80 -10.47
N GLY A 91 26.06 -2.16 -10.01
CA GLY A 91 27.39 -2.62 -10.30
C GLY A 91 28.03 -3.35 -9.14
N ILE A 92 29.23 -3.81 -9.40
CA ILE A 92 29.97 -4.55 -8.41
C ILE A 92 30.23 -3.65 -7.20
N GLU A 93 30.40 -2.35 -7.42
CA GLU A 93 30.65 -1.47 -6.29
C GLU A 93 29.41 -1.35 -5.42
N ASP A 94 28.24 -1.41 -6.03
CA ASP A 94 26.99 -1.43 -5.23
C ASP A 94 26.91 -2.66 -4.36
N LEU A 95 27.25 -3.82 -4.90
CA LEU A 95 27.26 -5.04 -4.12
C LEU A 95 28.24 -5.00 -2.96
N LYS A 96 29.38 -4.31 -3.14
CA LYS A 96 30.37 -4.15 -2.07
C LYS A 96 29.91 -3.17 -1.01
N ASN A 97 28.84 -2.41 -1.30
CA ASN A 97 28.25 -1.49 -0.33
C ASN A 97 26.94 -2.02 0.27
N PHE A 98 26.71 -3.32 0.13
CA PHE A 98 25.52 -3.96 0.71
C PHE A 98 25.41 -3.54 2.17
N ARG A 99 24.24 -3.04 2.53
CA ARG A 99 23.92 -2.74 3.93
C ARG A 99 24.67 -1.50 4.51
N GLN A 100 25.21 -0.64 3.65
CA GLN A 100 25.91 0.58 4.09
C GLN A 100 25.04 1.79 3.80
N LEU A 101 25.18 2.82 4.64
CA LEU A 101 24.32 4.00 4.58
C LEU A 101 24.26 4.56 3.15
N ASN A 102 23.04 4.81 2.70
CA ASN A 102 22.68 5.28 1.36
C ASN A 102 23.25 4.48 0.19
N SER A 103 23.61 3.22 0.42
CA SER A 103 23.94 2.36 -0.72
C SER A 103 22.69 2.06 -1.54
N ARG A 104 22.88 1.63 -2.78
CA ARG A 104 21.78 1.14 -3.59
C ARG A 104 21.41 -0.32 -3.27
N THR A 105 22.02 -0.87 -2.23
CA THR A 105 21.82 -2.26 -1.90
C THR A 105 21.55 -2.38 -0.41
N PRO A 106 20.40 -1.85 0.06
CA PRO A 106 20.02 -2.01 1.45
C PRO A 106 19.71 -3.46 1.82
N GLY A 107 19.76 -3.75 3.12
CA GLY A 107 19.64 -5.09 3.67
C GLY A 107 18.41 -5.86 3.24
N HIS A 108 17.32 -5.13 3.07
CA HIS A 108 16.11 -5.65 2.42
C HIS A 108 15.79 -4.81 1.18
N PRO A 109 15.29 -5.44 0.12
CA PRO A 109 15.16 -4.66 -1.11
C PRO A 109 14.12 -3.58 -0.93
N GLU A 110 14.40 -2.40 -1.50
CA GLU A 110 13.54 -1.23 -1.37
C GLU A 110 13.17 -0.74 -2.75
N TYR A 111 11.88 -0.74 -3.03
CA TYR A 111 11.39 -0.25 -4.29
C TYR A 111 11.69 1.26 -4.41
N GLY A 112 12.09 1.69 -5.61
CA GLY A 112 12.41 3.10 -5.86
C GLY A 112 13.90 3.42 -5.88
N TYR A 113 14.67 2.79 -5.01
CA TYR A 113 16.08 3.14 -4.81
C TYR A 113 17.04 2.28 -5.63
N THR A 114 16.52 1.28 -6.31
CA THR A 114 17.33 0.25 -6.92
C THR A 114 16.62 -0.22 -8.17
N ALA A 115 17.33 -0.16 -9.31
CA ALA A 115 16.76 -0.47 -10.62
C ALA A 115 16.32 -1.91 -10.65
N GLY A 116 15.05 -2.19 -10.94
CA GLY A 116 14.59 -3.56 -11.06
C GLY A 116 13.93 -4.20 -9.82
N VAL A 117 14.01 -3.55 -8.68
CA VAL A 117 13.32 -4.01 -7.49
C VAL A 117 11.83 -3.61 -7.58
N GLU A 118 10.96 -4.61 -7.56
CA GLU A 118 9.56 -4.40 -7.88
C GLU A 118 8.73 -4.02 -6.64
N THR A 119 9.25 -4.34 -5.45
CA THR A 119 8.54 -4.03 -4.19
C THR A 119 9.53 -4.03 -3.03
N THR A 120 9.13 -3.42 -1.91
CA THR A 120 9.92 -3.45 -0.70
C THR A 120 9.45 -4.66 0.14
N THR A 121 10.38 -5.56 0.49
CA THR A 121 10.04 -6.73 1.30
C THR A 121 10.93 -6.76 2.53
N GLY A 122 10.70 -7.74 3.37
CA GLY A 122 11.35 -7.81 4.68
C GLY A 122 10.32 -8.43 5.62
N PRO A 123 9.19 -7.73 5.80
CA PRO A 123 8.13 -8.31 6.63
C PRO A 123 7.54 -9.52 5.93
N LEU A 124 7.69 -10.69 6.54
CA LEU A 124 7.35 -11.93 5.86
C LEU A 124 5.84 -12.05 5.52
N GLY A 125 5.58 -12.72 4.42
CA GLY A 125 4.23 -12.93 3.91
C GLY A 125 3.80 -11.86 2.94
N GLN A 126 4.37 -10.67 3.05
CA GLN A 126 3.83 -9.53 2.27
C GLN A 126 4.32 -9.54 0.86
N GLY A 127 5.52 -10.07 0.59
CA GLY A 127 5.99 -10.23 -0.77
C GLY A 127 5.03 -11.04 -1.64
N ILE A 128 4.64 -12.21 -1.16
CA ILE A 128 3.69 -12.99 -1.89
C ILE A 128 2.35 -12.26 -2.06
N ALA A 129 1.91 -11.52 -1.05
CA ALA A 129 0.71 -10.71 -1.17
C ALA A 129 0.83 -9.61 -2.22
N ASN A 130 1.99 -8.95 -2.24
CA ASN A 130 2.26 -7.97 -3.24
C ASN A 130 2.20 -8.63 -4.61
N ALA A 131 2.75 -9.83 -4.74
CA ALA A 131 2.77 -10.52 -6.03
C ALA A 131 1.34 -10.84 -6.47
N VAL A 132 0.51 -11.27 -5.51
CA VAL A 132 -0.91 -11.48 -5.77
C VAL A 132 -1.57 -10.22 -6.31
N GLY A 133 -1.28 -9.08 -5.70
CA GLY A 133 -1.75 -7.81 -6.24
C GLY A 133 -1.26 -7.46 -7.64
N MET A 134 -0.01 -7.75 -7.91
CA MET A 134 0.50 -7.49 -9.24
C MET A 134 -0.19 -8.38 -10.29
N ALA A 135 -0.43 -9.63 -9.93
CA ALA A 135 -1.07 -10.54 -10.87
C ALA A 135 -2.53 -10.14 -11.05
N LEU A 136 -3.16 -9.66 -9.98
CA LEU A 136 -4.50 -9.13 -10.09
C LEU A 136 -4.56 -7.90 -11.00
N ALA A 137 -3.61 -6.98 -10.83
CA ALA A 137 -3.55 -5.79 -11.68
C ALA A 137 -3.45 -6.17 -13.15
N GLU A 138 -2.51 -7.07 -13.48
CA GLU A 138 -2.33 -7.54 -14.85
C GLU A 138 -3.60 -8.16 -15.41
N LYS A 139 -4.23 -9.01 -14.63
CA LYS A 139 -5.44 -9.69 -15.10
C LYS A 139 -6.59 -8.68 -15.36
N VAL A 140 -6.80 -7.74 -14.45
CA VAL A 140 -7.82 -6.72 -14.63
C VAL A 140 -7.46 -5.78 -15.78
N LEU A 141 -6.20 -5.35 -15.85
CA LEU A 141 -5.84 -4.37 -16.87
C LEU A 141 -5.97 -5.00 -18.25
N ALA A 142 -5.59 -6.27 -18.37
CA ALA A 142 -5.75 -7.00 -19.61
C ALA A 142 -7.21 -7.10 -20.01
N ALA A 143 -8.06 -7.46 -19.06
CA ALA A 143 -9.50 -7.59 -19.36
C ALA A 143 -10.09 -6.24 -19.72
N GLN A 144 -9.68 -5.17 -19.04
CA GLN A 144 -10.10 -3.83 -19.41
C GLN A 144 -9.62 -3.38 -20.81
N PHE A 145 -8.35 -3.66 -21.17
CA PHE A 145 -7.75 -3.01 -22.35
C PHE A 145 -7.53 -3.86 -23.58
N ASN A 146 -7.41 -5.18 -23.39
CA ASN A 146 -7.08 -6.03 -24.51
C ASN A 146 -8.25 -6.10 -25.50
N ARG A 147 -7.95 -6.26 -26.78
CA ARG A 147 -9.00 -6.41 -27.79
C ARG A 147 -8.56 -7.47 -28.78
N ASP A 148 -9.51 -7.98 -29.57
CA ASP A 148 -9.17 -8.99 -30.57
C ASP A 148 -7.95 -8.55 -31.39
N GLY A 149 -6.94 -9.41 -31.41
CA GLY A 149 -5.69 -9.14 -32.15
C GLY A 149 -4.75 -8.15 -31.50
N HIS A 150 -5.01 -7.75 -30.26
CA HIS A 150 -4.18 -6.78 -29.53
C HIS A 150 -4.14 -7.20 -28.05
N ALA A 151 -3.37 -8.23 -27.75
CA ALA A 151 -3.14 -8.68 -26.36
C ALA A 151 -1.98 -7.85 -25.81
N VAL A 152 -2.24 -6.55 -25.64
CA VAL A 152 -1.19 -5.60 -25.30
C VAL A 152 -0.71 -5.74 -23.85
N VAL A 153 -1.61 -6.11 -22.94
CA VAL A 153 -1.26 -6.43 -21.55
C VAL A 153 -1.17 -7.95 -21.40
N ASP A 154 0.02 -8.47 -21.23
CA ASP A 154 0.22 -9.91 -21.21
C ASP A 154 1.60 -10.27 -20.61
N HIS A 155 1.61 -10.49 -19.31
CA HIS A 155 2.82 -10.88 -18.62
C HIS A 155 2.54 -11.69 -17.35
N TYR A 156 3.56 -12.41 -16.92
CA TYR A 156 3.49 -13.28 -15.74
C TYR A 156 4.00 -12.57 -14.51
N THR A 157 3.63 -13.13 -13.35
CA THR A 157 4.10 -12.67 -12.08
C THR A 157 4.73 -13.89 -11.42
N TYR A 158 6.04 -13.85 -11.23
CA TYR A 158 6.76 -14.95 -10.63
C TYR A 158 7.19 -14.56 -9.24
N ALA A 159 7.06 -15.46 -8.27
CA ALA A 159 7.45 -15.14 -6.91
C ALA A 159 8.20 -16.31 -6.26
N PHE A 160 9.14 -15.98 -5.41
CA PHE A 160 9.87 -16.92 -4.57
C PHE A 160 9.42 -16.73 -3.13
N LEU A 161 9.13 -17.79 -2.41
CA LEU A 161 8.81 -17.66 -0.99
C LEU A 161 9.31 -18.87 -0.23
N GLY A 162 9.40 -18.73 1.08
CA GLY A 162 10.00 -19.75 1.94
C GLY A 162 9.04 -20.10 3.06
N ASP A 163 9.56 -20.81 4.05
CA ASP A 163 8.75 -21.33 5.15
C ASP A 163 8.15 -20.23 5.98
N GLY A 164 8.89 -19.15 6.16
CA GLY A 164 8.40 -18.06 6.99
C GLY A 164 7.12 -17.45 6.41
N CYS A 165 7.16 -17.17 5.12
CA CYS A 165 5.98 -16.69 4.41
C CYS A 165 4.82 -17.68 4.51
N MET A 166 5.12 -18.97 4.38
CA MET A 166 4.07 -19.99 4.44
C MET A 166 3.42 -20.11 5.80
N MET A 167 4.18 -19.84 6.86
CA MET A 167 3.62 -19.91 8.21
C MET A 167 2.71 -18.69 8.49
N GLU A 168 3.06 -17.53 7.93
CA GLU A 168 2.30 -16.32 8.19
C GLU A 168 0.87 -16.44 7.69
N GLY A 169 -0.04 -15.92 8.51
CA GLY A 169 -1.48 -15.89 8.22
C GLY A 169 -1.77 -15.25 6.87
N ILE A 170 -1.02 -14.22 6.51
CA ILE A 170 -1.30 -13.49 5.30
C ILE A 170 -1.19 -14.37 4.07
N SER A 171 -0.35 -15.41 4.12
CA SER A 171 -0.24 -16.32 3.01
C SER A 171 -1.59 -17.03 2.74
N HIS A 172 -2.27 -17.42 3.80
CA HIS A 172 -3.58 -18.04 3.71
C HIS A 172 -4.58 -17.07 3.07
N GLU A 173 -4.59 -15.82 3.52
CA GLU A 173 -5.53 -14.83 2.99
C GLU A 173 -5.33 -14.61 1.49
N VAL A 174 -4.08 -14.35 1.07
CA VAL A 174 -3.83 -14.03 -0.33
C VAL A 174 -3.81 -15.21 -1.27
N ALA A 175 -3.36 -16.38 -0.81
CA ALA A 175 -3.45 -17.59 -1.64
C ALA A 175 -4.92 -18.03 -1.85
N SER A 176 -5.71 -17.92 -0.80
CA SER A 176 -7.16 -18.22 -0.90
C SER A 176 -7.83 -17.36 -1.98
N LEU A 177 -7.64 -16.07 -1.88
CA LEU A 177 -8.22 -15.16 -2.82
C LEU A 177 -7.64 -15.35 -4.26
N ALA A 178 -6.36 -15.63 -4.38
CA ALA A 178 -5.75 -15.85 -5.68
C ALA A 178 -6.35 -17.07 -6.37
N GLY A 179 -6.67 -18.09 -5.58
CA GLY A 179 -7.37 -19.23 -6.07
C GLY A 179 -8.77 -18.92 -6.57
N THR A 180 -9.52 -18.17 -5.79
CA THR A 180 -10.89 -17.81 -6.13
C THR A 180 -10.93 -16.97 -7.40
N LEU A 181 -9.98 -16.04 -7.54
CA LEU A 181 -9.94 -15.17 -8.71
C LEU A 181 -9.21 -15.78 -9.91
N ARG A 182 -8.71 -17.01 -9.78
CA ARG A 182 -7.98 -17.69 -10.87
C ARG A 182 -6.87 -16.83 -11.48
N LEU A 183 -5.90 -16.46 -10.67
CA LEU A 183 -4.78 -15.66 -11.17
C LEU A 183 -3.78 -16.63 -11.71
N ASN A 184 -4.13 -17.22 -12.87
CA ASN A 184 -3.34 -18.30 -13.44
C ASN A 184 -1.96 -17.92 -13.93
N LYS A 185 -1.69 -16.63 -14.08
CA LYS A 185 -0.37 -16.16 -14.47
C LYS A 185 0.53 -15.78 -13.28
N LEU A 186 0.03 -16.04 -12.08
CA LEU A 186 0.86 -16.04 -10.87
C LEU A 186 1.49 -17.44 -10.69
N ILE A 187 2.81 -17.46 -10.65
CA ILE A 187 3.58 -18.70 -10.50
C ILE A 187 4.59 -18.51 -9.36
N ALA A 188 4.39 -19.28 -8.29
CA ALA A 188 5.18 -19.18 -7.08
C ALA A 188 6.07 -20.39 -6.88
N PHE A 189 7.31 -20.15 -6.48
CA PHE A 189 8.28 -21.20 -6.23
C PHE A 189 8.51 -21.22 -4.72
N TYR A 190 8.12 -22.32 -4.08
CA TYR A 190 8.34 -22.52 -2.66
C TYR A 190 9.67 -23.21 -2.42
N ASP A 191 10.53 -22.57 -1.64
CA ASP A 191 11.81 -23.11 -1.26
C ASP A 191 11.56 -23.99 -0.07
N ASP A 192 11.33 -25.27 -0.35
CA ASP A 192 11.17 -26.25 0.68
C ASP A 192 12.57 -26.77 0.99
N ASN A 193 13.24 -26.12 1.94
CA ASN A 193 14.65 -26.42 2.25
C ASN A 193 14.71 -27.24 3.53
N GLY A 194 13.54 -27.55 4.08
CA GLY A 194 13.37 -28.11 5.44
C GLY A 194 12.86 -26.99 6.35
N GLY A 203 9.37 -29.72 14.21
CA GLY A 203 9.45 -29.04 15.51
C GLY A 203 8.39 -27.95 15.67
N TRP A 204 8.23 -27.11 14.64
CA TRP A 204 7.11 -26.13 14.65
C TRP A 204 6.33 -25.94 13.33
N PHE A 205 6.78 -26.58 12.25
CA PHE A 205 6.15 -26.41 10.91
C PHE A 205 6.02 -27.71 10.13
N THR A 206 4.85 -28.31 10.21
CA THR A 206 4.61 -29.64 9.67
C THR A 206 3.45 -29.70 8.65
N ASP A 207 2.98 -28.55 8.19
CA ASP A 207 1.92 -28.51 7.21
C ASP A 207 2.22 -29.33 6.00
N ASP A 208 1.21 -29.98 5.44
CA ASP A 208 1.32 -30.52 4.09
C ASP A 208 0.97 -29.35 3.18
N THR A 209 1.97 -28.57 2.82
CA THR A 209 1.74 -27.31 2.11
C THR A 209 1.14 -27.49 0.72
N PRO A 210 1.58 -28.51 -0.02
CA PRO A 210 0.93 -28.76 -1.31
C PRO A 210 -0.56 -29.04 -1.19
N LYS A 211 -0.94 -29.80 -0.19
CA LYS A 211 -2.37 -30.13 -0.05
C LYS A 211 -3.20 -28.88 0.33
N ARG A 212 -2.61 -28.05 1.16
CA ARG A 212 -3.21 -26.80 1.57
C ARG A 212 -3.47 -25.92 0.36
N PHE A 213 -2.47 -25.80 -0.52
CA PHE A 213 -2.64 -25.00 -1.72
C PHE A 213 -3.63 -25.57 -2.72
N GLU A 214 -3.71 -26.89 -2.83
CA GLU A 214 -4.78 -27.49 -3.65
C GLU A 214 -6.14 -27.09 -3.10
N ALA A 215 -6.24 -26.92 -1.78
CA ALA A 215 -7.51 -26.57 -1.19
C ALA A 215 -7.95 -25.18 -1.56
N TYR A 216 -6.98 -24.32 -1.90
CA TYR A 216 -7.25 -22.99 -2.41
C TYR A 216 -7.59 -22.97 -3.90
N GLY A 217 -7.55 -24.09 -4.59
CA GLY A 217 -7.75 -24.10 -6.07
C GLY A 217 -6.52 -23.73 -6.89
N TRP A 218 -5.34 -23.89 -6.30
CA TRP A 218 -4.12 -23.76 -7.05
C TRP A 218 -3.73 -25.08 -7.66
N GLN A 219 -2.98 -25.02 -8.76
CA GLN A 219 -2.21 -26.17 -9.20
C GLN A 219 -0.94 -26.26 -8.36
N VAL A 220 -0.59 -27.46 -7.91
CA VAL A 220 0.67 -27.66 -7.23
C VAL A 220 1.54 -28.68 -7.93
N ILE A 221 2.81 -28.34 -8.07
CA ILE A 221 3.80 -29.26 -8.60
C ILE A 221 4.71 -29.65 -7.47
N ARG A 222 4.56 -30.91 -7.05
CA ARG A 222 5.26 -31.45 -5.92
C ARG A 222 6.69 -31.89 -6.22
N ASN A 223 7.52 -31.85 -5.20
CA ASN A 223 8.79 -32.55 -5.17
C ASN A 223 9.71 -32.23 -6.34
N VAL A 224 9.79 -30.95 -6.70
CA VAL A 224 10.70 -30.52 -7.79
C VAL A 224 12.11 -30.42 -7.26
N ASP A 225 13.06 -31.11 -7.92
CA ASP A 225 14.43 -31.04 -7.46
C ASP A 225 14.93 -29.67 -7.84
N GLY A 226 15.08 -28.83 -6.82
CA GLY A 226 15.54 -27.43 -6.96
C GLY A 226 16.99 -27.23 -7.39
N HIS A 227 17.73 -28.33 -7.44
CA HIS A 227 19.07 -28.31 -8.05
C HIS A 227 19.16 -29.09 -9.36
N ASP A 228 18.04 -29.29 -10.03
CA ASP A 228 18.06 -30.02 -11.30
C ASP A 228 17.35 -29.20 -12.33
N ALA A 229 18.14 -28.65 -13.25
CA ALA A 229 17.60 -27.72 -14.24
C ALA A 229 16.51 -28.32 -15.12
N ASP A 230 16.62 -29.62 -15.45
CA ASP A 230 15.57 -30.28 -16.28
C ASP A 230 14.23 -30.33 -15.51
N GLU A 231 14.29 -30.67 -14.23
CA GLU A 231 13.06 -30.72 -13.43
C GLU A 231 12.46 -29.34 -13.27
N ILE A 232 13.33 -28.34 -13.07
CA ILE A 232 12.83 -26.99 -12.90
C ILE A 232 12.13 -26.53 -14.18
N LYS A 233 12.72 -26.80 -15.34
CA LYS A 233 12.14 -26.35 -16.60
C LYS A 233 10.79 -27.01 -16.86
N THR A 234 10.72 -28.27 -16.53
CA THR A 234 9.48 -29.02 -16.78
C THR A 234 8.38 -28.43 -15.95
N ALA A 235 8.68 -28.11 -14.70
CA ALA A 235 7.70 -27.50 -13.80
C ALA A 235 7.22 -26.12 -14.33
N ILE A 236 8.17 -25.30 -14.74
CA ILE A 236 7.87 -23.96 -15.24
C ILE A 236 6.99 -24.03 -16.48
N ASP A 237 7.35 -24.92 -17.42
CA ASP A 237 6.52 -25.14 -18.63
C ASP A 237 5.08 -25.56 -18.28
N THR A 238 4.93 -26.48 -17.35
CA THR A 238 3.59 -26.86 -16.89
C THR A 238 2.85 -25.65 -16.28
N ALA A 239 3.53 -24.89 -15.43
CA ALA A 239 2.91 -23.78 -14.74
C ALA A 239 2.47 -22.71 -15.74
N ARG A 240 3.26 -22.54 -16.79
CA ARG A 240 2.94 -21.50 -17.76
C ARG A 240 1.71 -21.81 -18.62
N LYS A 241 1.25 -23.06 -18.59
CA LYS A 241 0.05 -23.47 -19.29
C LYS A 241 -1.13 -23.62 -18.35
N SER A 242 -0.96 -23.30 -17.06
CA SER A 242 -1.95 -23.68 -16.08
C SER A 242 -3.18 -22.79 -16.20
N ASP A 243 -4.34 -23.35 -15.92
CA ASP A 243 -5.59 -22.55 -15.75
C ASP A 243 -5.79 -21.99 -14.33
N GLN A 244 -4.91 -22.39 -13.43
CA GLN A 244 -4.93 -21.95 -12.07
C GLN A 244 -3.56 -21.32 -11.72
N PRO A 245 -3.54 -20.43 -10.73
CA PRO A 245 -2.23 -20.11 -10.14
C PRO A 245 -1.51 -21.40 -9.73
N THR A 246 -0.18 -21.43 -9.87
CA THR A 246 0.61 -22.64 -9.64
C THR A 246 1.68 -22.43 -8.54
N LEU A 247 1.79 -23.39 -7.63
CA LEU A 247 2.83 -23.42 -6.62
C LEU A 247 3.78 -24.55 -7.00
N ILE A 248 5.02 -24.18 -7.27
CA ILE A 248 6.10 -25.14 -7.58
C ILE A 248 6.90 -25.36 -6.31
N CYS A 249 6.78 -26.56 -5.77
CA CYS A 249 7.41 -26.91 -4.49
C CYS A 249 8.82 -27.39 -4.75
N CYS A 250 9.80 -26.54 -4.46
CA CYS A 250 11.18 -26.82 -4.81
C CYS A 250 11.97 -27.33 -3.62
N LYS A 251 12.45 -28.56 -3.72
CA LYS A 251 13.32 -29.10 -2.68
C LYS A 251 14.73 -28.60 -2.90
N THR A 252 15.27 -27.90 -1.93
CA THR A 252 16.62 -27.43 -2.01
C THR A 252 17.38 -27.88 -0.79
N VAL A 253 18.68 -28.02 -0.93
CA VAL A 253 19.52 -28.37 0.22
C VAL A 253 20.82 -27.56 0.31
N ILE A 254 21.26 -26.89 -0.76
CA ILE A 254 22.48 -26.08 -0.72
C ILE A 254 22.29 -24.91 0.23
N GLY A 255 23.29 -24.71 1.07
CA GLY A 255 23.33 -23.55 1.90
C GLY A 255 23.93 -23.85 3.24
N PHE A 256 23.65 -22.94 4.18
CA PHE A 256 24.23 -23.03 5.50
C PHE A 256 23.10 -23.31 6.49
N ALA A 274 33.77 -17.26 8.08
CA ALA A 274 34.89 -17.23 7.15
C ALA A 274 35.31 -18.65 6.77
N ASP A 275 35.43 -19.52 7.76
CA ASP A 275 35.73 -20.93 7.50
C ASP A 275 34.57 -21.63 6.76
N GLU A 276 33.33 -21.44 7.20
CA GLU A 276 32.18 -22.16 6.60
C GLU A 276 31.97 -21.71 5.15
N ILE A 277 32.17 -20.42 4.93
CA ILE A 277 32.08 -19.84 3.61
C ILE A 277 33.16 -20.38 2.69
N ALA A 278 34.40 -20.40 3.16
CA ALA A 278 35.48 -20.90 2.34
C ALA A 278 35.21 -22.37 2.00
N ALA A 279 34.66 -23.13 2.94
CA ALA A 279 34.41 -24.58 2.71
C ALA A 279 33.38 -24.75 1.61
N THR A 280 32.27 -24.04 1.72
CA THR A 280 31.21 -24.15 0.75
C THR A 280 31.62 -23.67 -0.65
N ARG A 281 32.38 -22.59 -0.66
CA ARG A 281 32.86 -22.02 -1.88
C ARG A 281 33.75 -23.00 -2.63
N ALA A 282 34.64 -23.67 -1.89
CA ALA A 282 35.51 -24.66 -2.50
C ALA A 282 34.72 -25.90 -2.97
N ALA A 283 33.76 -26.33 -2.19
CA ALA A 283 32.91 -27.47 -2.54
C ALA A 283 32.18 -27.24 -3.85
N LEU A 284 31.76 -26.00 -4.06
CA LEU A 284 31.07 -25.59 -5.28
C LEU A 284 32.02 -25.49 -6.44
N GLY A 285 33.32 -25.60 -6.19
CA GLY A 285 34.32 -25.53 -7.24
C GLY A 285 34.50 -24.13 -7.72
N TRP A 286 34.17 -23.14 -6.89
CA TRP A 286 34.27 -21.73 -7.24
C TRP A 286 35.62 -21.12 -6.77
N GLU A 287 36.54 -20.94 -7.69
CA GLU A 287 37.94 -20.60 -7.37
C GLU A 287 38.19 -19.08 -7.34
N HIS A 288 37.24 -18.30 -7.80
CA HIS A 288 37.55 -16.90 -8.09
C HIS A 288 37.52 -16.05 -6.83
N ALA A 289 38.28 -14.94 -6.84
CA ALA A 289 38.37 -14.06 -5.67
C ALA A 289 37.05 -13.32 -5.47
N PRO A 290 36.85 -12.77 -4.26
CA PRO A 290 35.61 -12.10 -3.96
C PRO A 290 35.24 -11.07 -5.02
N PHE A 291 34.01 -11.14 -5.47
CA PHE A 291 33.44 -10.19 -6.40
C PHE A 291 33.91 -10.29 -7.87
N GLU A 292 34.73 -11.30 -8.20
CA GLU A 292 35.22 -11.46 -9.57
C GLU A 292 34.36 -12.51 -10.25
N ILE A 293 33.77 -12.13 -11.37
CA ILE A 293 32.95 -13.03 -12.15
C ILE A 293 33.60 -13.16 -13.53
N PRO A 294 33.88 -14.37 -13.98
CA PRO A 294 34.47 -14.56 -15.34
C PRO A 294 33.65 -13.92 -16.49
N ALA A 295 34.36 -13.47 -17.52
CA ALA A 295 33.76 -12.71 -18.58
C ALA A 295 32.70 -13.52 -19.31
N GLN A 296 32.91 -14.83 -19.51
CA GLN A 296 31.89 -15.63 -20.23
C GLN A 296 30.63 -15.86 -19.39
N ILE A 297 30.78 -15.84 -18.08
CA ILE A 297 29.62 -15.94 -17.19
C ILE A 297 28.75 -14.68 -17.25
N TYR A 298 29.36 -13.51 -17.18
CA TYR A 298 28.64 -12.27 -17.46
C TYR A 298 27.97 -12.31 -18.84
N ALA A 299 28.69 -12.81 -19.85
CA ALA A 299 28.14 -12.82 -21.21
C ALA A 299 26.88 -13.65 -21.27
N GLU A 300 26.88 -14.78 -20.58
CA GLU A 300 25.75 -15.71 -20.67
C GLU A 300 24.57 -15.27 -19.79
N TRP A 301 24.87 -14.45 -18.78
CA TRP A 301 23.82 -13.88 -17.93
C TRP A 301 23.21 -12.60 -18.50
N ASP A 302 23.94 -11.87 -19.33
CA ASP A 302 23.48 -10.57 -19.77
C ASP A 302 22.21 -10.70 -20.58
N ALA A 303 21.27 -9.82 -20.29
CA ALA A 303 19.94 -9.90 -20.87
C ALA A 303 19.65 -8.63 -21.71
N LYS A 304 20.67 -7.79 -21.92
CA LYS A 304 20.45 -6.55 -22.68
C LYS A 304 20.03 -6.78 -24.13
N GLU A 305 20.54 -7.83 -24.77
CA GLU A 305 20.26 -8.09 -26.18
C GLU A 305 18.81 -8.61 -26.35
N THR A 306 18.48 -9.70 -25.66
CA THR A 306 17.14 -10.26 -25.71
C THR A 306 16.10 -9.25 -25.18
N GLY A 307 16.45 -8.57 -24.09
CA GLY A 307 15.62 -7.54 -23.43
C GLY A 307 15.21 -6.41 -24.37
N ALA A 308 16.20 -5.87 -25.07
CA ALA A 308 15.97 -4.89 -26.12
C ALA A 308 14.97 -5.42 -27.14
N ALA A 309 15.23 -6.63 -27.66
CA ALA A 309 14.33 -7.20 -28.66
C ALA A 309 12.93 -7.47 -28.14
N GLN A 310 12.82 -7.91 -26.88
CA GLN A 310 11.51 -8.13 -26.28
C GLN A 310 10.72 -6.85 -26.14
N GLU A 311 11.33 -5.79 -25.63
CA GLU A 311 10.59 -4.56 -25.47
C GLU A 311 10.25 -3.91 -26.85
N ALA A 312 11.15 -4.09 -27.83
CA ALA A 312 10.96 -3.49 -29.13
C ALA A 312 9.78 -4.16 -29.82
N GLU A 313 9.73 -5.48 -29.71
CA GLU A 313 8.61 -6.23 -30.24
C GLU A 313 7.30 -5.78 -29.62
N TRP A 314 7.29 -5.54 -28.31
CA TRP A 314 6.07 -5.11 -27.65
C TRP A 314 5.74 -3.67 -28.05
N ASN A 315 6.74 -2.81 -28.17
CA ASN A 315 6.48 -1.44 -28.64
C ASN A 315 5.81 -1.43 -30.01
N LYS A 316 6.22 -2.34 -30.91
CA LYS A 316 5.59 -2.49 -32.23
C LYS A 316 4.13 -2.89 -32.09
N ARG A 317 3.82 -3.78 -31.15
CA ARG A 317 2.44 -4.19 -30.92
C ARG A 317 1.63 -3.09 -30.29
N PHE A 318 2.23 -2.35 -29.37
CA PHE A 318 1.54 -1.22 -28.81
C PHE A 318 1.16 -0.20 -29.90
N ALA A 319 2.07 0.11 -30.81
CA ALA A 319 1.76 1.07 -31.89
C ALA A 319 0.60 0.56 -32.75
N ALA A 320 0.63 -0.71 -33.12
CA ALA A 320 -0.52 -1.31 -33.82
C ALA A 320 -1.84 -1.13 -33.05
N TYR A 321 -1.79 -1.35 -31.72
CA TYR A 321 -2.96 -1.14 -30.86
C TYR A 321 -3.44 0.31 -30.89
N GLN A 322 -2.49 1.24 -30.85
CA GLN A 322 -2.76 2.68 -30.83
C GLN A 322 -3.44 3.12 -32.14
N ALA A 323 -3.02 2.52 -33.25
CA ALA A 323 -3.62 2.78 -34.57
C ALA A 323 -5.04 2.24 -34.63
N ALA A 324 -5.22 1.01 -34.17
CA ALA A 324 -6.56 0.41 -34.21
C ALA A 324 -7.51 0.91 -33.11
N HIS A 325 -6.99 1.43 -32.00
CA HIS A 325 -7.84 1.79 -30.85
C HIS A 325 -7.29 3.00 -30.10
N PRO A 326 -7.25 4.17 -30.77
CA PRO A 326 -6.44 5.25 -30.16
C PRO A 326 -6.95 5.80 -28.82
N GLU A 327 -8.26 5.75 -28.61
CA GLU A 327 -8.82 6.25 -27.35
C GLU A 327 -8.35 5.38 -26.17
N LEU A 328 -8.55 4.06 -26.29
CA LEU A 328 -8.08 3.08 -25.32
C LEU A 328 -6.61 3.24 -25.05
N ALA A 329 -5.82 3.26 -26.11
CA ALA A 329 -4.38 3.31 -25.97
C ALA A 329 -3.93 4.57 -25.23
N ALA A 330 -4.56 5.71 -25.54
CA ALA A 330 -4.26 6.96 -24.80
C ALA A 330 -4.58 6.80 -23.28
N GLU A 331 -5.73 6.20 -23.00
CA GLU A 331 -6.16 5.94 -21.63
C GLU A 331 -5.18 5.03 -20.89
N LEU A 332 -4.81 3.92 -21.53
CA LEU A 332 -3.79 3.04 -20.98
C LEU A 332 -2.49 3.78 -20.63
N LEU A 333 -1.93 4.53 -21.57
CA LEU A 333 -0.69 5.27 -21.28
C LEU A 333 -0.83 6.23 -20.13
N ARG A 334 -1.93 7.00 -20.15
CA ARG A 334 -2.22 7.93 -19.08
C ARG A 334 -2.18 7.20 -17.73
N ARG A 335 -2.91 6.10 -17.71
CA ARG A 335 -3.04 5.34 -16.48
C ARG A 335 -1.75 4.69 -16.01
N LEU A 336 -0.96 4.20 -16.95
CA LEU A 336 0.33 3.63 -16.63
C LEU A 336 1.27 4.69 -16.09
N LYS A 337 1.16 5.91 -16.61
CA LYS A 337 1.92 7.03 -16.08
C LYS A 337 1.42 7.44 -14.69
N GLY A 338 0.20 7.09 -14.34
CA GLY A 338 -0.38 7.53 -13.07
C GLY A 338 -0.94 8.95 -13.11
N GLU A 339 -1.09 9.50 -14.31
CA GLU A 339 -1.67 10.83 -14.50
C GLU A 339 -3.14 10.80 -14.38
N LEU A 340 -3.70 11.81 -13.72
CA LEU A 340 -5.13 11.97 -13.64
C LEU A 340 -5.68 12.64 -14.91
N PRO A 341 -7.00 12.51 -15.14
CA PRO A 341 -7.55 13.30 -16.25
C PRO A 341 -7.23 14.81 -16.12
N ALA A 342 -6.90 15.44 -17.25
CA ALA A 342 -6.58 16.88 -17.30
C ALA A 342 -7.58 17.76 -16.55
N ASP A 343 -8.87 17.42 -16.65
CA ASP A 343 -9.93 18.22 -15.97
C ASP A 343 -10.45 17.67 -14.63
N PHE A 344 -9.79 16.65 -14.09
CA PHE A 344 -10.28 16.13 -12.83
C PHE A 344 -10.22 17.20 -11.73
N ALA A 345 -9.12 17.92 -11.63
CA ALA A 345 -8.99 18.92 -10.55
C ALA A 345 -10.13 19.98 -10.58
N GLU A 346 -10.42 20.48 -11.78
CA GLU A 346 -11.50 21.44 -12.00
C GLU A 346 -12.89 20.84 -11.67
N LYS A 347 -13.17 19.64 -12.18
CA LYS A 347 -14.47 18.99 -11.88
C LYS A 347 -14.60 18.69 -10.38
N ALA A 348 -13.53 18.19 -9.79
CA ALA A 348 -13.58 17.93 -8.34
C ALA A 348 -13.76 19.16 -7.46
N ALA A 349 -13.10 20.26 -7.80
CA ALA A 349 -13.31 21.52 -7.05
C ALA A 349 -14.76 22.02 -7.28
N ALA A 350 -15.27 21.88 -8.50
CA ALA A 350 -16.67 22.24 -8.74
C ALA A 350 -17.60 21.39 -7.88
N TYR A 351 -17.27 20.11 -7.72
CA TYR A 351 -18.07 19.20 -6.91
C TYR A 351 -18.05 19.57 -5.43
N VAL A 352 -16.86 19.78 -4.90
CA VAL A 352 -16.70 20.29 -3.54
C VAL A 352 -17.60 21.51 -3.32
N ALA A 353 -17.56 22.48 -4.25
CA ALA A 353 -18.45 23.66 -4.18
C ALA A 353 -19.96 23.31 -4.21
N ASP A 354 -20.38 22.37 -5.07
CA ASP A 354 -21.77 21.90 -5.05
CA ASP A 354 -21.74 21.83 -5.10
C ASP A 354 -22.20 21.36 -3.72
N VAL A 355 -21.36 20.53 -3.11
CA VAL A 355 -21.66 19.94 -1.82
C VAL A 355 -21.79 21.02 -0.74
N ALA A 356 -20.90 22.00 -0.81
CA ALA A 356 -20.91 23.08 0.15
C ALA A 356 -22.22 23.87 0.06
N ASN A 357 -22.85 23.86 -1.11
CA ASN A 357 -24.17 24.49 -1.35
C ASN A 357 -25.40 23.62 -1.05
N LYS A 358 -25.37 22.33 -1.38
CA LYS A 358 -26.50 21.44 -0.98
C LYS A 358 -26.64 21.40 0.56
N GLY A 359 -25.52 21.54 1.28
CA GLY A 359 -25.53 21.61 2.74
C GLY A 359 -26.29 20.52 3.49
N GLU A 360 -26.04 19.25 3.14
CA GLU A 360 -26.68 18.11 3.83
C GLU A 360 -26.05 17.70 5.18
N THR A 361 -26.82 16.96 5.98
CA THR A 361 -26.38 16.45 7.26
C THR A 361 -26.51 14.92 7.19
N ILE A 362 -25.39 14.25 6.97
CA ILE A 362 -25.39 12.78 6.73
C ILE A 362 -24.17 12.13 7.42
N ALA A 363 -24.15 10.79 7.50
CA ALA A 363 -22.93 10.12 7.99
C ALA A 363 -21.80 10.39 7.00
N SER A 364 -20.59 10.65 7.51
CA SER A 364 -19.45 10.89 6.62
C SER A 364 -19.26 9.66 5.73
N ARG A 365 -19.72 8.48 6.20
CA ARG A 365 -19.72 7.26 5.38
C ARG A 365 -20.58 7.41 4.12
N LYS A 366 -21.74 8.09 4.23
CA LYS A 366 -22.57 8.41 3.07
C LYS A 366 -21.93 9.48 2.17
N ALA A 367 -21.32 10.50 2.78
CA ALA A 367 -20.59 11.52 2.00
C ALA A 367 -19.45 10.88 1.19
N SER A 368 -18.78 9.88 1.75
CA SER A 368 -17.74 9.15 1.01
C SER A 368 -18.33 8.47 -0.25
N GLN A 369 -19.37 7.68 -0.04
CA GLN A 369 -20.06 7.06 -1.14
C GLN A 369 -20.57 8.12 -2.13
N ASN A 370 -21.02 9.27 -1.62
CA ASN A 370 -21.38 10.39 -2.50
C ASN A 370 -20.18 10.87 -3.33
N ALA A 371 -19.03 11.08 -2.69
CA ALA A 371 -17.81 11.52 -3.41
C ALA A 371 -17.44 10.50 -4.47
N LEU A 372 -17.51 9.22 -4.11
CA LEU A 372 -17.20 8.16 -5.08
C LEU A 372 -18.17 8.22 -6.23
N ASN A 373 -19.41 8.60 -5.95
CA ASN A 373 -20.39 8.73 -7.04
C ASN A 373 -20.10 9.83 -8.02
N ALA A 374 -19.51 10.91 -7.55
CA ALA A 374 -19.06 11.97 -8.42
C ALA A 374 -17.70 11.63 -9.05
N PHE A 375 -16.77 11.11 -8.24
CA PHE A 375 -15.41 10.90 -8.77
C PHE A 375 -15.21 9.61 -9.54
N GLY A 376 -15.91 8.57 -9.12
CA GLY A 376 -15.85 7.29 -9.79
C GLY A 376 -15.94 7.29 -11.31
N PRO A 377 -16.97 7.94 -11.85
CA PRO A 377 -17.13 7.94 -13.30
C PRO A 377 -16.07 8.77 -14.01
N LEU A 378 -15.36 9.64 -13.31
CA LEU A 378 -14.22 10.36 -13.92
C LEU A 378 -12.93 9.55 -13.92
N LEU A 379 -12.85 8.52 -13.06
CA LEU A 379 -11.59 7.86 -12.78
C LEU A 379 -11.74 6.35 -13.05
N PRO A 380 -11.70 5.94 -14.31
CA PRO A 380 -11.75 4.51 -14.66
C PRO A 380 -10.56 3.69 -14.09
N GLU A 381 -9.49 4.38 -13.68
CA GLU A 381 -8.39 3.72 -12.95
C GLU A 381 -8.69 3.34 -11.50
N LEU A 382 -9.75 3.86 -10.88
CA LEU A 382 -10.04 3.51 -9.49
C LEU A 382 -10.36 2.02 -9.42
N LEU A 383 -9.72 1.31 -8.47
CA LEU A 383 -10.00 -0.12 -8.26
C LEU A 383 -10.36 -0.26 -6.77
N GLY A 384 -11.66 -0.24 -6.49
CA GLY A 384 -12.14 -0.24 -5.13
C GLY A 384 -12.24 -1.62 -4.56
N GLY A 385 -12.59 -1.66 -3.29
CA GLY A 385 -12.95 -2.91 -2.67
C GLY A 385 -13.18 -2.78 -1.20
N SER A 386 -13.54 -3.90 -0.60
CA SER A 386 -13.80 -3.94 0.85
C SER A 386 -13.55 -5.32 1.41
N ALA A 387 -13.16 -5.35 2.67
CA ALA A 387 -12.82 -6.60 3.30
C ALA A 387 -14.15 -7.18 3.82
N ASP A 388 -14.92 -7.61 2.83
CA ASP A 388 -16.26 -8.20 2.88
C ASP A 388 -16.51 -9.15 4.05
N THR A 395 -18.63 1.89 0.12
CA THR A 395 -17.50 1.50 -0.75
C THR A 395 -17.93 1.44 -2.22
N LEU A 396 -19.16 0.93 -2.45
CA LEU A 396 -19.73 0.75 -3.79
C LEU A 396 -20.47 2.00 -4.28
N TRP A 397 -20.11 2.45 -5.47
CA TRP A 397 -20.74 3.60 -6.13
C TRP A 397 -21.45 3.06 -7.39
N LYS A 398 -22.32 3.88 -7.99
CA LYS A 398 -23.22 3.44 -9.08
C LYS A 398 -22.58 2.64 -10.24
N GLY A 399 -21.46 3.10 -10.77
CA GLY A 399 -20.74 2.36 -11.82
C GLY A 399 -19.77 1.23 -11.41
N CYS A 400 -19.87 0.73 -10.17
CA CYS A 400 -19.01 -0.37 -9.71
C CYS A 400 -19.39 -1.65 -10.39
N LYS A 401 -18.40 -2.44 -10.73
CA LYS A 401 -18.62 -3.75 -11.31
C LYS A 401 -17.58 -4.66 -10.70
N GLY A 402 -18.07 -5.67 -9.99
CA GLY A 402 -17.22 -6.61 -9.28
C GLY A 402 -16.34 -7.41 -10.21
N VAL A 403 -15.07 -7.60 -9.84
CA VAL A 403 -14.24 -8.53 -10.61
C VAL A 403 -14.44 -9.97 -10.14
N SER A 404 -14.40 -10.89 -11.09
CA SER A 404 -14.52 -12.34 -10.86
C SER A 404 -13.53 -13.06 -11.74
N ALA A 405 -13.36 -14.35 -11.49
CA ALA A 405 -12.45 -15.18 -12.25
C ALA A 405 -12.79 -15.20 -13.73
N ASP A 406 -14.08 -15.29 -14.02
CA ASP A 406 -14.53 -15.38 -15.40
C ASP A 406 -14.58 -14.03 -16.07
N ASP A 407 -14.70 -12.97 -15.29
CA ASP A 407 -14.78 -11.65 -15.88
C ASP A 407 -14.06 -10.60 -15.00
N ALA A 408 -12.82 -10.31 -15.36
CA ALA A 408 -12.00 -9.38 -14.58
C ALA A 408 -12.04 -7.95 -15.12
N ALA A 409 -12.99 -7.63 -16.04
CA ALA A 409 -13.05 -6.29 -16.61
C ALA A 409 -13.67 -5.25 -15.65
N GLY A 410 -13.85 -5.61 -14.37
CA GLY A 410 -14.44 -4.75 -13.39
C GLY A 410 -13.53 -3.78 -12.68
N ASN A 411 -14.10 -3.11 -11.72
CA ASN A 411 -13.39 -2.10 -10.98
C ASN A 411 -13.59 -2.20 -9.47
N TYR A 412 -14.12 -3.30 -9.00
CA TYR A 412 -14.37 -3.44 -7.55
C TYR A 412 -14.03 -4.89 -7.14
N VAL A 413 -13.25 -5.04 -6.07
CA VAL A 413 -12.85 -6.38 -5.59
C VAL A 413 -13.46 -6.68 -4.21
N PHE A 414 -14.15 -7.81 -4.09
CA PHE A 414 -14.63 -8.31 -2.82
C PHE A 414 -13.55 -9.15 -2.16
N TYR A 415 -12.81 -8.55 -1.26
CA TYR A 415 -11.67 -9.22 -0.67
C TYR A 415 -12.02 -10.25 0.36
N GLY A 416 -13.27 -10.25 0.83
CA GLY A 416 -13.66 -11.09 1.94
C GLY A 416 -12.99 -10.65 3.25
N VAL A 417 -13.04 -11.50 4.25
CA VAL A 417 -12.68 -11.11 5.59
C VAL A 417 -11.14 -11.30 5.72
N ARG A 418 -10.41 -10.43 5.03
CA ARG A 418 -8.96 -10.57 4.80
C ARG A 418 -8.31 -9.19 4.80
N GLU A 419 -8.29 -8.55 5.95
CA GLU A 419 -7.85 -7.18 6.00
C GLU A 419 -6.39 -6.98 5.65
N PHE A 420 -5.53 -7.83 6.22
CA PHE A 420 -4.11 -7.77 5.97
C PHE A 420 -3.77 -8.06 4.51
N GLY A 421 -4.34 -9.13 4.00
CA GLY A 421 -4.16 -9.55 2.63
C GLY A 421 -4.67 -8.52 1.63
N MET A 422 -5.84 -7.95 1.90
CA MET A 422 -6.35 -6.87 1.06
C MET A 422 -5.33 -5.74 0.96
N SER A 423 -4.83 -5.29 2.10
CA SER A 423 -3.94 -4.17 2.15
C SER A 423 -2.63 -4.40 1.40
N ALA A 424 -2.01 -5.57 1.60
CA ALA A 424 -0.77 -5.88 0.89
C ALA A 424 -0.97 -6.13 -0.61
N ILE A 425 -2.14 -6.68 -0.97
CA ILE A 425 -2.53 -6.81 -2.35
C ILE A 425 -2.64 -5.43 -2.99
N MET A 426 -3.29 -4.50 -2.31
CA MET A 426 -3.44 -3.14 -2.84
C MET A 426 -2.08 -2.50 -3.08
N ASN A 427 -1.10 -2.80 -2.24
CA ASN A 427 0.27 -2.36 -2.48
C ASN A 427 0.81 -2.87 -3.77
N GLY A 428 0.52 -4.14 -4.04
CA GLY A 428 0.97 -4.74 -5.29
C GLY A 428 0.26 -4.09 -6.47
N VAL A 429 -1.05 -3.85 -6.32
CA VAL A 429 -1.81 -3.19 -7.40
C VAL A 429 -1.21 -1.82 -7.71
N ALA A 430 -0.91 -1.05 -6.64
CA ALA A 430 -0.37 0.31 -6.81
C ALA A 430 1.02 0.28 -7.48
N LEU A 431 1.87 -0.66 -7.08
CA LEU A 431 3.19 -0.80 -7.69
C LEU A 431 3.12 -1.22 -9.17
N HIS A 432 2.14 -2.02 -9.51
CA HIS A 432 2.10 -2.57 -10.81
C HIS A 432 1.91 -1.47 -11.87
N GLY A 433 1.07 -0.50 -11.53
CA GLY A 433 0.66 0.53 -12.48
C GLY A 433 -0.71 0.29 -13.10
N GLY A 434 -1.40 1.37 -13.44
CA GLY A 434 -2.68 1.27 -14.16
C GLY A 434 -3.88 1.58 -13.31
N PHE A 435 -3.71 1.62 -11.98
CA PHE A 435 -4.82 1.75 -11.06
C PHE A 435 -4.51 2.64 -9.89
N ILE A 436 -5.58 3.13 -9.27
CA ILE A 436 -5.55 3.75 -7.98
C ILE A 436 -6.42 2.86 -7.09
N PRO A 437 -5.81 2.04 -6.22
CA PRO A 437 -6.64 1.16 -5.44
C PRO A 437 -7.17 1.82 -4.16
N TYR A 438 -8.37 1.48 -3.79
CA TYR A 438 -8.86 1.76 -2.44
C TYR A 438 -9.52 0.53 -1.82
N GLY A 439 -9.50 0.48 -0.51
CA GLY A 439 -9.98 -0.72 0.21
C GLY A 439 -10.55 -0.30 1.54
N ALA A 440 -11.72 -0.81 1.89
CA ALA A 440 -12.45 -0.42 3.07
C ALA A 440 -12.55 -1.52 4.12
N THR A 441 -12.46 -1.13 5.38
CA THR A 441 -12.82 -2.00 6.49
C THR A 441 -13.20 -1.09 7.67
N PHE A 442 -13.55 -1.68 8.82
CA PHE A 442 -13.80 -0.90 10.03
C PHE A 442 -12.47 -0.32 10.51
N LEU A 443 -12.46 0.90 11.05
CA LEU A 443 -11.21 1.46 11.60
C LEU A 443 -10.50 0.51 12.61
N ILE A 444 -11.26 -0.17 13.45
CA ILE A 444 -10.62 -1.08 14.42
C ILE A 444 -9.78 -2.14 13.71
N PHE A 445 -10.28 -2.66 12.57
CA PHE A 445 -9.51 -3.68 11.86
C PHE A 445 -8.39 -3.19 10.99
N MET A 446 -8.14 -1.90 10.97
CA MET A 446 -6.85 -1.41 10.52
C MET A 446 -5.77 -2.19 11.26
N GLU A 447 -6.01 -2.53 12.53
CA GLU A 447 -4.99 -3.20 13.30
C GLU A 447 -4.61 -4.53 12.72
N TYR A 448 -5.54 -5.23 12.07
CA TYR A 448 -5.20 -6.51 11.43
C TYR A 448 -4.23 -6.31 10.27
N ALA A 449 -4.33 -5.18 9.59
CA ALA A 449 -3.59 -4.85 8.40
C ALA A 449 -2.45 -3.85 8.65
N ARG A 450 -2.17 -3.58 9.92
CA ARG A 450 -1.31 -2.49 10.29
C ARG A 450 0.00 -2.38 9.54
N ASN A 451 0.75 -3.49 9.43
CA ASN A 451 2.04 -3.41 8.80
C ASN A 451 1.95 -3.17 7.30
N ALA A 452 0.89 -3.61 6.65
CA ALA A 452 0.68 -3.30 5.23
C ALA A 452 0.43 -1.81 5.03
N VAL A 453 -0.29 -1.20 5.93
CA VAL A 453 -0.52 0.23 5.86
C VAL A 453 0.81 0.94 5.98
N ARG A 454 1.62 0.48 6.92
CA ARG A 454 2.95 1.08 7.11
C ARG A 454 3.80 0.92 5.85
N MET A 455 3.69 -0.23 5.20
CA MET A 455 4.45 -0.50 3.98
C MET A 455 4.00 0.39 2.80
N SER A 456 2.70 0.65 2.68
CA SER A 456 2.16 1.65 1.71
C SER A 456 2.89 2.98 1.83
N ALA A 457 3.03 3.41 3.08
CA ALA A 457 3.69 4.65 3.42
C ALA A 457 5.19 4.59 3.14
N LEU A 458 5.85 3.53 3.60
CA LEU A 458 7.29 3.38 3.37
C LEU A 458 7.61 3.37 1.89
N MET A 459 6.79 2.74 1.09
CA MET A 459 7.03 2.65 -0.34
C MET A 459 6.54 3.90 -1.07
N LYS A 460 5.90 4.82 -0.37
CA LYS A 460 5.34 6.05 -0.97
C LYS A 460 4.36 5.77 -2.11
N GLN A 461 3.45 4.84 -1.90
CA GLN A 461 2.49 4.46 -2.91
C GLN A 461 1.16 5.12 -2.65
N ARG A 462 0.48 5.45 -3.72
CA ARG A 462 -0.86 5.98 -3.62
C ARG A 462 -1.82 4.82 -3.45
N VAL A 463 -2.06 4.45 -2.19
CA VAL A 463 -3.08 3.46 -1.83
C VAL A 463 -4.03 4.21 -0.91
N LEU A 464 -5.33 4.07 -1.10
CA LEU A 464 -6.34 4.82 -0.34
C LEU A 464 -7.06 3.87 0.60
N TYR A 465 -6.86 4.10 1.88
CA TYR A 465 -7.55 3.29 2.91
C TYR A 465 -8.81 3.99 3.38
N VAL A 466 -9.92 3.29 3.32
CA VAL A 466 -11.20 3.79 3.81
C VAL A 466 -11.54 3.05 5.12
N PHE A 467 -11.55 3.77 6.23
CA PHE A 467 -11.81 3.17 7.54
C PHE A 467 -13.10 3.75 8.09
N THR A 468 -14.09 2.90 8.28
CA THR A 468 -15.41 3.34 8.75
C THR A 468 -15.60 3.01 10.23
N HIS A 469 -16.75 3.38 10.79
CA HIS A 469 -17.07 3.09 12.16
C HIS A 469 -15.97 3.58 13.09
N ASP A 470 -15.66 4.88 13.01
CA ASP A 470 -14.40 5.38 13.51
C ASP A 470 -14.31 5.63 15.01
N SER A 471 -15.38 5.37 15.77
CA SER A 471 -15.41 5.74 17.19
C SER A 471 -16.50 5.03 17.95
N ILE A 472 -16.59 5.36 19.23
CA ILE A 472 -17.74 5.00 20.07
C ILE A 472 -19.12 5.36 19.46
N GLY A 473 -19.12 6.29 18.52
CA GLY A 473 -20.31 6.58 17.75
C GLY A 473 -20.91 5.39 17.02
N LEU A 474 -20.13 4.34 16.80
CA LEU A 474 -20.71 3.14 16.22
C LEU A 474 -21.73 2.43 17.13
N GLY A 475 -21.70 2.73 18.42
CA GLY A 475 -22.73 2.25 19.34
C GLY A 475 -22.55 0.82 19.82
N GLU A 476 -23.60 0.03 19.63
CA GLU A 476 -23.79 -1.21 20.39
C GLU A 476 -22.74 -2.32 20.25
N ASP A 477 -22.03 -2.37 19.12
CA ASP A 477 -21.04 -3.44 18.92
C ASP A 477 -19.95 -3.48 20.05
N GLY A 478 -19.71 -2.34 20.68
CA GLY A 478 -19.02 -2.33 21.96
C GLY A 478 -17.52 -2.19 21.81
N PRO A 479 -16.80 -2.32 22.94
CA PRO A 479 -15.35 -1.98 23.02
C PRO A 479 -14.40 -2.74 22.10
N THR A 480 -14.75 -3.97 21.66
CA THR A 480 -13.86 -4.74 20.77
C THR A 480 -13.84 -4.15 19.38
N HIS A 481 -14.88 -3.38 19.07
CA HIS A 481 -15.00 -2.75 17.75
C HIS A 481 -14.76 -1.24 17.76
N GLN A 482 -14.85 -0.61 18.93
CA GLN A 482 -14.74 0.83 19.03
C GLN A 482 -13.31 1.33 19.08
N PRO A 483 -12.88 2.07 18.05
CA PRO A 483 -11.55 2.60 18.09
C PRO A 483 -11.30 3.59 19.21
N ILE A 484 -10.08 3.58 19.68
CA ILE A 484 -9.58 4.57 20.63
C ILE A 484 -8.23 5.08 20.19
N GLU A 485 -7.26 4.17 20.01
CA GLU A 485 -5.89 4.52 19.78
C GLU A 485 -5.47 4.52 18.30
N GLN A 486 -6.42 4.16 17.43
CA GLN A 486 -6.07 3.88 16.06
C GLN A 486 -5.75 5.14 15.23
N LEU A 487 -6.46 6.24 15.52
CA LEU A 487 -6.19 7.51 14.83
C LEU A 487 -4.78 7.96 15.12
N ALA A 488 -4.40 7.94 16.38
CA ALA A 488 -3.04 8.28 16.73
C ALA A 488 -2.00 7.43 16.01
N SER A 489 -2.25 6.12 15.91
CA SER A 489 -1.36 5.17 15.18
C SER A 489 -1.19 5.61 13.70
N LEU A 490 -2.29 5.92 13.05
CA LEU A 490 -2.23 6.42 11.68
C LEU A 490 -1.48 7.75 11.60
N ARG A 491 -1.77 8.66 12.53
CA ARG A 491 -1.16 9.99 12.50
C ARG A 491 0.34 9.98 12.73
N LEU A 492 0.85 8.96 13.42
CA LEU A 492 2.28 8.82 13.62
C LEU A 492 2.97 7.95 12.56
N THR A 493 2.24 7.58 11.52
CA THR A 493 2.86 6.85 10.41
C THR A 493 3.49 7.84 9.42
N PRO A 494 4.83 7.83 9.28
CA PRO A 494 5.42 8.77 8.32
C PRO A 494 4.91 8.55 6.90
N ASN A 495 4.67 9.66 6.20
CA ASN A 495 4.25 9.71 4.82
CA ASN A 495 4.27 9.66 4.79
C ASN A 495 2.81 9.29 4.60
N LEU A 496 2.06 9.06 5.67
CA LEU A 496 0.65 8.77 5.58
C LEU A 496 -0.15 10.03 5.95
N ASP A 497 -1.14 10.36 5.12
CA ASP A 497 -2.11 11.44 5.44
C ASP A 497 -3.40 10.81 5.96
N THR A 498 -3.88 11.25 7.13
CA THR A 498 -5.10 10.73 7.72
C THR A 498 -6.15 11.82 7.82
N TRP A 499 -7.24 11.66 7.09
CA TRP A 499 -8.28 12.66 7.00
C TRP A 499 -9.46 12.19 7.79
N ARG A 500 -9.94 13.02 8.73
CA ARG A 500 -11.16 12.69 9.48
C ARG A 500 -12.18 13.82 9.27
N PRO A 501 -12.96 13.72 8.19
CA PRO A 501 -13.80 14.85 7.75
C PRO A 501 -14.98 15.10 8.66
N ALA A 502 -15.20 16.37 8.98
CA ALA A 502 -16.34 16.81 9.84
C ALA A 502 -17.69 16.78 9.19
N ASP A 503 -17.74 16.81 7.87
CA ASP A 503 -19.01 16.81 7.16
C ASP A 503 -18.75 16.42 5.71
N ALA A 504 -19.77 16.52 4.87
CA ALA A 504 -19.65 16.16 3.47
C ALA A 504 -18.67 17.03 2.69
N VAL A 505 -18.60 18.31 3.05
CA VAL A 505 -17.68 19.19 2.33
C VAL A 505 -16.25 18.70 2.57
N GLU A 506 -15.90 18.46 3.83
CA GLU A 506 -14.52 18.03 4.14
C GLU A 506 -14.25 16.62 3.57
N SER A 507 -15.31 15.81 3.46
CA SER A 507 -15.16 14.47 2.91
C SER A 507 -14.76 14.56 1.44
N ALA A 508 -15.39 15.48 0.69
CA ALA A 508 -15.08 15.68 -0.72
C ALA A 508 -13.68 16.21 -0.90
N VAL A 509 -13.28 17.17 -0.07
CA VAL A 509 -11.91 17.69 -0.11
C VAL A 509 -10.90 16.59 0.20
N ALA A 510 -11.22 15.71 1.14
CA ALA A 510 -10.27 14.69 1.53
C ALA A 510 -10.05 13.67 0.43
N TRP A 511 -11.13 13.14 -0.13
CA TRP A 511 -11.03 12.27 -1.29
C TRP A 511 -10.21 12.91 -2.43
N LYS A 512 -10.52 14.16 -2.77
CA LYS A 512 -9.83 14.85 -3.86
C LYS A 512 -8.36 14.91 -3.58
N HIS A 513 -8.04 15.29 -2.36
CA HIS A 513 -6.66 15.46 -2.00
C HIS A 513 -5.93 14.10 -2.04
N ALA A 514 -6.59 13.07 -1.56
CA ALA A 514 -6.01 11.72 -1.52
C ALA A 514 -5.74 11.22 -2.91
N ILE A 515 -6.73 11.36 -3.78
CA ILE A 515 -6.57 10.99 -5.20
C ILE A 515 -5.44 11.72 -5.90
N GLU A 516 -5.32 13.00 -5.65
CA GLU A 516 -4.26 13.79 -6.29
C GLU A 516 -2.87 13.58 -5.69
N ARG A 517 -2.80 12.93 -4.54
CA ARG A 517 -1.52 12.66 -3.89
C ARG A 517 -0.84 11.43 -4.46
N ALA A 518 0.04 11.62 -5.43
CA ALA A 518 0.67 10.44 -6.04
C ALA A 518 1.82 9.81 -5.26
N ASP A 519 2.40 10.50 -4.29
CA ASP A 519 3.63 10.06 -3.65
C ASP A 519 3.46 9.58 -2.20
N GLY A 520 2.23 9.25 -1.85
CA GLY A 520 1.98 8.60 -0.59
C GLY A 520 0.53 8.21 -0.39
N PRO A 521 0.28 7.36 0.62
CA PRO A 521 -1.03 6.84 0.83
C PRO A 521 -1.86 7.79 1.71
N SER A 522 -3.16 7.59 1.72
CA SER A 522 -4.06 8.33 2.56
C SER A 522 -5.03 7.41 3.27
N ALA A 523 -5.41 7.76 4.49
CA ALA A 523 -6.45 7.01 5.21
C ALA A 523 -7.61 7.96 5.45
N LEU A 524 -8.78 7.58 4.96
CA LEU A 524 -9.96 8.41 5.04
C LEU A 524 -10.91 7.79 6.09
N ILE A 525 -11.20 8.55 7.14
CA ILE A 525 -11.88 8.04 8.32
C ILE A 525 -13.30 8.59 8.41
N PHE A 526 -14.27 7.69 8.42
CA PHE A 526 -15.67 7.99 8.37
C PHE A 526 -16.47 7.47 9.55
N SER A 527 -17.47 8.26 9.90
CA SER A 527 -18.38 7.94 10.99
C SER A 527 -19.55 7.07 10.49
N ARG A 528 -20.14 6.33 11.42
CA ARG A 528 -21.37 5.61 11.17
C ARG A 528 -22.57 6.54 11.38
N GLN A 529 -22.45 7.50 12.30
CA GLN A 529 -23.56 8.40 12.64
C GLN A 529 -23.56 9.68 11.80
N ASN A 530 -24.67 10.41 11.86
CA ASN A 530 -24.86 11.60 11.04
C ASN A 530 -24.00 12.77 11.49
N LEU A 531 -23.46 13.50 10.50
CA LEU A 531 -22.63 14.67 10.76
C LEU A 531 -23.28 15.94 10.18
N PRO A 532 -23.57 16.93 11.02
CA PRO A 532 -24.20 18.13 10.46
C PRO A 532 -23.31 18.96 9.51
N HIS A 533 -23.90 19.48 8.44
CA HIS A 533 -23.20 20.39 7.54
C HIS A 533 -22.72 21.64 8.30
N GLN A 534 -21.51 22.09 8.04
CA GLN A 534 -21.02 23.31 8.65
C GLN A 534 -21.03 24.45 7.61
N ALA A 535 -21.42 25.64 8.05
CA ALA A 535 -21.42 26.77 7.19
C ALA A 535 -19.98 27.23 7.00
N ARG A 536 -19.62 27.62 5.77
CA ARG A 536 -18.29 28.12 5.43
C ARG A 536 -18.38 29.12 4.28
N ASP A 537 -17.52 30.12 4.29
CA ASP A 537 -17.34 30.97 3.11
C ASP A 537 -16.35 30.29 2.16
N VAL A 538 -16.23 30.86 0.97
CA VAL A 538 -15.38 30.29 -0.10
C VAL A 538 -13.95 30.00 0.37
N ALA A 539 -13.36 30.97 1.08
CA ALA A 539 -11.97 30.83 1.53
C ALA A 539 -11.78 29.69 2.54
N GLN A 540 -12.74 29.54 3.44
CA GLN A 540 -12.71 28.45 4.42
C GLN A 540 -12.81 27.07 3.70
N VAL A 541 -13.71 26.95 2.73
CA VAL A 541 -13.79 25.69 1.95
C VAL A 541 -12.42 25.40 1.31
N ALA A 542 -11.80 26.42 0.75
CA ALA A 542 -10.47 26.26 0.18
C ALA A 542 -9.47 25.77 1.21
N ASP A 543 -9.53 26.32 2.41
CA ASP A 543 -8.55 26.01 3.45
C ASP A 543 -8.70 24.62 4.07
N ILE A 544 -9.79 23.91 3.74
CA ILE A 544 -9.93 22.55 4.21
C ILE A 544 -8.72 21.76 3.74
N ALA A 545 -8.28 22.04 2.49
CA ALA A 545 -7.14 21.36 1.88
C ALA A 545 -5.81 21.68 2.56
N ARG A 546 -5.81 22.63 3.50
CA ARG A 546 -4.62 22.95 4.27
C ARG A 546 -4.53 22.08 5.54
N GLY A 547 -5.43 21.12 5.67
CA GLY A 547 -5.36 20.17 6.80
C GLY A 547 -5.94 20.68 8.13
N GLY A 548 -5.85 21.99 8.37
CA GLY A 548 -6.35 22.59 9.61
C GLY A 548 -6.62 24.06 9.34
N TYR A 549 -7.73 24.57 9.83
CA TYR A 549 -8.23 25.90 9.43
C TYR A 549 -9.24 26.45 10.45
N VAL A 550 -9.49 27.76 10.34
CA VAL A 550 -10.45 28.42 11.24
C VAL A 550 -11.85 28.28 10.70
N LEU A 551 -12.68 27.52 11.40
CA LEU A 551 -14.08 27.31 11.03
C LEU A 551 -15.02 28.38 11.64
N LYS A 552 -14.79 28.75 12.91
CA LYS A 552 -15.51 29.84 13.60
C LYS A 552 -14.51 30.74 14.28
N ASP A 553 -14.74 32.06 14.17
CA ASP A 553 -13.79 33.02 14.72
C ASP A 553 -14.39 34.16 15.57
N CYS A 554 -13.50 34.80 16.35
CA CYS A 554 -13.83 35.96 17.18
C CYS A 554 -13.11 37.19 16.62
N GLU A 555 -13.65 38.39 16.89
CA GLU A 555 -12.99 39.63 16.49
C GLU A 555 -11.80 39.79 17.44
N GLY A 556 -10.60 39.90 16.89
CA GLY A 556 -9.39 40.00 17.71
C GLY A 556 -8.91 38.64 18.22
N GLU A 557 -7.82 38.69 18.98
CA GLU A 557 -7.19 37.49 19.53
C GLU A 557 -8.16 36.70 20.39
N PRO A 558 -8.34 35.39 20.09
CA PRO A 558 -9.23 34.56 20.90
C PRO A 558 -8.73 34.36 22.32
N GLU A 559 -9.67 34.27 23.24
CA GLU A 559 -9.40 33.91 24.62
C GLU A 559 -9.32 32.39 24.74
N LEU A 560 -10.02 31.70 23.85
CA LEU A 560 -10.13 30.24 23.87
C LEU A 560 -10.17 29.71 22.43
N ILE A 561 -9.46 28.61 22.19
CA ILE A 561 -9.51 27.93 20.88
C ILE A 561 -9.99 26.48 21.07
N LEU A 562 -11.04 26.13 20.36
CA LEU A 562 -11.53 24.76 20.35
C LEU A 562 -11.01 24.11 19.07
N ILE A 563 -10.17 23.07 19.23
CA ILE A 563 -9.66 22.33 18.08
C ILE A 563 -10.44 21.01 18.03
N ALA A 564 -11.08 20.71 16.91
CA ALA A 564 -11.85 19.47 16.80
C ALA A 564 -11.74 18.81 15.44
N THR A 565 -12.09 17.53 15.37
CA THR A 565 -12.04 16.81 14.13
C THR A 565 -13.30 16.03 13.99
N GLY A 566 -13.60 15.69 12.74
CA GLY A 566 -14.61 14.70 12.42
C GLY A 566 -15.92 14.94 13.13
N SER A 567 -16.48 13.88 13.70
CA SER A 567 -17.79 13.94 14.29
C SER A 567 -17.87 14.86 15.52
N GLU A 568 -16.74 15.27 16.09
CA GLU A 568 -16.76 16.19 17.23
C GLU A 568 -16.75 17.72 16.92
N VAL A 569 -16.61 18.08 15.66
CA VAL A 569 -16.65 19.50 15.27
C VAL A 569 -18.02 20.11 15.56
N GLY A 570 -19.11 19.38 15.33
CA GLY A 570 -20.45 19.85 15.63
C GLY A 570 -20.62 20.23 17.09
N LEU A 571 -20.05 19.43 17.98
CA LEU A 571 -20.11 19.73 19.40
C LEU A 571 -19.27 20.95 19.70
N ALA A 572 -18.13 21.07 19.03
CA ALA A 572 -17.26 22.24 19.20
C ALA A 572 -18.00 23.52 18.78
N VAL A 573 -18.78 23.44 17.72
CA VAL A 573 -19.51 24.59 17.25
C VAL A 573 -20.59 24.99 18.28
N GLN A 574 -21.31 24.01 18.83
CA GLN A 574 -22.27 24.27 19.92
C GLN A 574 -21.62 25.02 21.07
N ALA A 575 -20.49 24.53 21.54
CA ALA A 575 -19.77 25.18 22.61
C ALA A 575 -19.35 26.61 22.23
N TYR A 576 -18.98 26.79 20.97
CA TYR A 576 -18.64 28.08 20.44
C TYR A 576 -19.83 29.05 20.46
N ASP A 577 -20.99 28.57 20.01
CA ASP A 577 -22.22 29.33 20.08
C ASP A 577 -22.53 29.78 21.51
N LYS A 578 -22.65 28.81 22.42
CA LYS A 578 -22.92 29.07 23.82
C LYS A 578 -21.94 30.07 24.41
N LEU A 579 -20.66 29.84 24.21
CA LEU A 579 -19.65 30.63 24.90
C LEU A 579 -19.53 32.04 24.35
N SER A 580 -19.88 32.19 23.08
CA SER A 580 -19.87 33.49 22.42
C SER A 580 -20.98 34.36 23.03
N GLU A 581 -22.14 33.76 23.26
CA GLU A 581 -23.26 34.44 23.92
C GLU A 581 -22.87 35.03 25.28
N GLN A 582 -21.93 34.39 25.97
CA GLN A 582 -21.36 34.93 27.22
C GLN A 582 -20.30 36.03 27.01
N GLY A 583 -20.11 36.49 25.79
CA GLY A 583 -19.11 37.52 25.50
C GLY A 583 -17.67 37.03 25.41
N ARG A 584 -17.48 35.71 25.48
CA ARG A 584 -16.13 35.12 25.44
C ARG A 584 -15.66 35.16 23.98
N LYS A 585 -14.38 35.44 23.78
CA LYS A 585 -13.82 35.52 22.43
C LYS A 585 -13.28 34.12 22.09
N VAL A 586 -14.07 33.34 21.34
CA VAL A 586 -13.75 31.93 21.03
C VAL A 586 -13.48 31.68 19.53
N ARG A 587 -12.63 30.69 19.24
CA ARG A 587 -12.38 30.26 17.87
C ARG A 587 -12.53 28.72 17.79
N VAL A 588 -13.16 28.24 16.71
CA VAL A 588 -13.15 26.81 16.34
C VAL A 588 -12.20 26.60 15.15
N VAL A 589 -11.21 25.75 15.39
CA VAL A 589 -10.29 25.24 14.37
C VAL A 589 -10.71 23.81 14.06
N SER A 590 -11.04 23.54 12.81
CA SER A 590 -11.35 22.19 12.40
C SER A 590 -10.06 21.63 11.85
N MET A 591 -9.70 20.42 12.31
CA MET A 591 -8.38 19.79 11.99
C MET A 591 -8.53 18.46 11.28
N PRO A 592 -9.10 18.48 10.07
CA PRO A 592 -9.36 17.20 9.42
C PRO A 592 -8.09 16.40 9.03
N CYS A 593 -6.92 17.04 8.85
CA CYS A 593 -5.67 16.30 8.57
C CYS A 593 -4.43 16.92 9.17
N THR A 594 -3.94 16.32 10.23
CA THR A 594 -2.81 16.86 10.95
C THR A 594 -1.53 16.87 10.13
N SER A 595 -1.29 15.82 9.33
CA SER A 595 -0.04 15.74 8.60
C SER A 595 0.02 16.84 7.54
N VAL A 596 -1.11 17.08 6.86
CA VAL A 596 -1.18 18.21 5.92
C VAL A 596 -1.04 19.59 6.61
N TYR A 597 -1.73 19.77 7.73
CA TYR A 597 -1.66 21.01 8.46
C TYR A 597 -0.20 21.30 8.82
N GLU A 598 0.50 20.29 9.33
CA GLU A 598 1.91 20.46 9.66
C GLU A 598 2.78 20.85 8.48
N GLN A 599 2.41 20.45 7.27
CA GLN A 599 3.18 20.79 6.05
C GLN A 599 2.96 22.27 5.63
N GLN A 600 2.06 22.99 6.30
CA GLN A 600 1.74 24.38 5.94
C GLN A 600 2.82 25.31 6.46
N ASP A 601 2.92 26.51 5.85
CA ASP A 601 3.93 27.49 6.26
C ASP A 601 3.70 28.08 7.66
N GLU A 602 4.78 28.55 8.28
CA GLU A 602 4.76 29.05 9.66
C GLU A 602 3.74 30.14 9.84
N SER A 603 3.63 31.05 8.88
CA SER A 603 2.70 32.17 9.05
C SER A 603 1.23 31.70 8.97
N TYR A 604 0.95 30.70 8.14
CA TYR A 604 -0.42 30.15 8.11
C TYR A 604 -0.73 29.46 9.44
N LYS A 605 0.20 28.66 9.94
CA LYS A 605 0.01 28.03 11.22
C LYS A 605 -0.24 29.07 12.34
N GLN A 606 0.55 30.15 12.36
CA GLN A 606 0.36 31.20 13.35
C GLN A 606 -1.02 31.80 13.21
N SER A 607 -1.55 31.88 11.99
CA SER A 607 -2.89 32.39 11.79
C SER A 607 -4.02 31.52 12.31
N VAL A 608 -3.79 30.21 12.44
CA VAL A 608 -4.82 29.25 12.92
C VAL A 608 -4.65 28.98 14.42
N LEU A 609 -3.42 28.70 14.85
CA LEU A 609 -3.12 28.37 16.24
C LEU A 609 -2.01 29.31 16.75
N PRO A 610 -2.34 30.58 17.03
CA PRO A 610 -1.30 31.54 17.47
C PRO A 610 -0.52 31.09 18.71
N VAL A 611 0.80 31.17 18.64
CA VAL A 611 1.68 30.69 19.71
C VAL A 611 1.40 31.34 21.07
N GLU A 612 0.85 32.55 21.04
CA GLU A 612 0.56 33.29 22.26
C GLU A 612 -0.80 32.93 22.92
N VAL A 613 -1.63 32.11 22.28
CA VAL A 613 -2.91 31.69 22.87
C VAL A 613 -2.79 30.27 23.41
N GLY A 614 -2.50 30.16 24.71
CA GLY A 614 -2.27 28.88 25.38
C GLY A 614 -3.55 28.16 25.80
N ALA A 615 -4.63 28.92 25.91
CA ALA A 615 -5.93 28.38 26.28
C ALA A 615 -6.57 27.66 25.09
N ARG A 616 -6.27 26.37 24.96
CA ARG A 616 -6.74 25.55 23.84
C ARG A 616 -7.39 24.26 24.36
N ILE A 617 -8.55 23.91 23.80
CA ILE A 617 -9.20 22.63 24.09
C ILE A 617 -9.42 21.74 22.84
N ALA A 618 -8.77 20.59 22.82
CA ALA A 618 -8.96 19.57 21.76
C ALA A 618 -10.16 18.66 22.09
N ILE A 619 -11.00 18.41 21.10
CA ILE A 619 -12.20 17.58 21.26
C ILE A 619 -12.22 16.50 20.15
N GLU A 620 -12.09 15.25 20.54
CA GLU A 620 -12.09 14.13 19.60
C GLU A 620 -12.42 12.82 20.32
N ALA A 621 -13.34 12.04 19.77
CA ALA A 621 -13.70 10.75 20.36
C ALA A 621 -12.61 9.68 20.06
N ALA A 622 -11.41 9.93 20.55
CA ALA A 622 -10.26 9.07 20.36
C ALA A 622 -9.30 9.39 21.48
N HIS A 623 -8.16 8.72 21.50
CA HIS A 623 -7.23 8.81 22.60
C HIS A 623 -6.72 10.23 22.77
N ALA A 624 -6.82 10.72 24.01
CA ALA A 624 -6.47 12.10 24.36
C ALA A 624 -5.01 12.41 24.14
N ASP A 625 -4.14 11.44 24.40
CA ASP A 625 -2.70 11.67 24.45
C ASP A 625 -2.10 12.25 23.18
N TYR A 626 -2.73 12.00 22.03
CA TYR A 626 -2.22 12.57 20.81
C TYR A 626 -2.17 14.11 20.82
N TRP A 627 -3.14 14.72 21.51
CA TRP A 627 -3.43 16.14 21.35
C TRP A 627 -2.54 17.08 22.12
N TYR A 628 -1.64 16.53 22.93
CA TYR A 628 -0.66 17.35 23.62
C TYR A 628 0.19 18.09 22.58
N LYS A 629 0.31 17.51 21.39
CA LYS A 629 1.00 18.16 20.30
C LYS A 629 0.42 19.53 19.98
N TYR A 630 -0.90 19.65 20.09
CA TYR A 630 -1.60 20.86 19.73
C TYR A 630 -2.05 21.73 20.92
N VAL A 631 -2.13 21.18 22.14
CA VAL A 631 -2.54 22.00 23.29
C VAL A 631 -1.46 22.11 24.35
N GLY A 632 -0.36 21.37 24.18
CA GLY A 632 0.72 21.32 25.15
C GLY A 632 0.22 21.13 26.57
N LEU A 633 0.97 21.64 27.52
CA LEU A 633 0.69 21.45 28.94
C LEU A 633 -0.19 22.54 29.54
N ASP A 634 -0.44 23.60 28.77
CA ASP A 634 -1.31 24.69 29.19
C ASP A 634 -2.76 24.47 28.79
N GLY A 635 -3.01 23.61 27.80
CA GLY A 635 -4.39 23.39 27.33
C GLY A 635 -5.10 22.20 27.98
N ARG A 636 -6.21 21.80 27.39
CA ARG A 636 -7.01 20.66 27.86
C ARG A 636 -7.44 19.80 26.69
N ILE A 637 -7.85 18.57 27.02
CA ILE A 637 -8.28 17.60 26.05
C ILE A 637 -9.53 16.87 26.51
N ILE A 638 -10.52 16.87 25.65
CA ILE A 638 -11.72 16.11 25.83
C ILE A 638 -11.65 14.95 24.78
N GLY A 639 -11.15 13.82 25.25
CA GLY A 639 -11.04 12.62 24.44
C GLY A 639 -11.34 11.38 25.24
N MET A 640 -10.72 10.28 24.83
CA MET A 640 -10.97 9.00 25.44
C MET A 640 -9.69 8.61 26.11
N THR A 641 -9.80 7.97 27.28
CA THR A 641 -8.63 7.39 27.91
C THR A 641 -8.88 5.97 28.40
N SER A 642 -9.89 5.32 27.86
CA SER A 642 -10.21 3.94 28.25
C SER A 642 -10.76 3.23 27.04
N PHE A 643 -11.05 1.93 27.15
CA PHE A 643 -11.88 1.29 26.11
C PHE A 643 -13.34 1.78 26.20
N GLY A 644 -14.11 1.48 25.15
CA GLY A 644 -15.52 1.88 25.07
C GLY A 644 -16.45 0.99 25.87
N GLU A 645 -17.71 0.96 25.44
CA GLU A 645 -18.77 0.21 26.07
C GLU A 645 -19.79 -0.13 25.03
N SER A 646 -20.55 -1.18 25.28
CA SER A 646 -21.67 -1.58 24.44
C SER A 646 -22.96 -0.89 24.85
N ALA A 647 -23.30 0.16 24.14
CA ALA A 647 -24.58 0.86 24.32
C ALA A 647 -24.90 1.64 23.04
N PRO A 648 -26.14 2.11 22.88
CA PRO A 648 -26.43 3.08 21.83
C PRO A 648 -25.50 4.29 21.89
N ALA A 649 -25.16 4.81 20.72
CA ALA A 649 -24.23 5.95 20.61
C ALA A 649 -24.56 7.16 21.50
N PRO A 650 -25.81 7.65 21.49
CA PRO A 650 -26.07 8.85 22.31
C PRO A 650 -25.71 8.62 23.77
N ALA A 651 -26.04 7.44 24.28
CA ALA A 651 -25.70 7.08 25.67
C ALA A 651 -24.18 6.99 25.90
N LEU A 652 -23.43 6.54 24.89
CA LEU A 652 -21.97 6.47 25.04
C LEU A 652 -21.36 7.87 25.02
N PHE A 653 -21.84 8.75 24.15
CA PHE A 653 -21.32 10.12 24.11
C PHE A 653 -21.62 10.84 25.45
N GLU A 654 -22.81 10.64 25.96
CA GLU A 654 -23.16 11.17 27.27
C GLU A 654 -22.17 10.62 28.31
N HIS A 655 -22.04 9.31 28.35
CA HIS A 655 -21.20 8.64 29.31
C HIS A 655 -19.76 9.13 29.31
N PHE A 656 -19.20 9.34 28.13
CA PHE A 656 -17.78 9.63 28.01
C PHE A 656 -17.45 11.14 27.95
N GLY A 657 -18.48 11.99 28.09
CA GLY A 657 -18.29 13.43 28.25
C GLY A 657 -18.27 14.24 26.96
N PHE A 658 -18.83 13.71 25.88
CA PHE A 658 -18.97 14.46 24.65
C PHE A 658 -20.34 15.07 24.63
N THR A 659 -20.52 16.05 25.53
CA THR A 659 -21.78 16.81 25.69
C THR A 659 -21.48 18.29 25.80
N LEU A 660 -22.47 19.11 25.50
CA LEU A 660 -22.29 20.54 25.59
C LEU A 660 -21.88 20.94 27.00
N ASP A 661 -22.60 20.41 27.98
CA ASP A 661 -22.33 20.74 29.38
C ASP A 661 -20.91 20.43 29.78
N ASN A 662 -20.39 19.27 29.38
CA ASN A 662 -19.02 18.94 29.76
C ASN A 662 -17.97 19.86 29.14
N VAL A 663 -18.18 20.23 27.88
CA VAL A 663 -17.26 21.14 27.21
C VAL A 663 -17.18 22.49 27.94
N LEU A 664 -18.35 23.04 28.28
CA LEU A 664 -18.43 24.33 28.97
C LEU A 664 -17.73 24.25 30.31
N ALA A 665 -17.87 23.12 30.98
CA ALA A 665 -17.22 22.93 32.27
C ALA A 665 -15.72 22.98 32.10
N VAL A 666 -15.22 22.34 31.04
CA VAL A 666 -13.77 22.26 30.85
C VAL A 666 -13.24 23.63 30.53
N ALA A 667 -13.95 24.38 29.70
CA ALA A 667 -13.60 25.78 29.41
C ALA A 667 -13.59 26.63 30.69
N GLU A 668 -14.63 26.46 31.50
CA GLU A 668 -14.74 27.21 32.74
C GLU A 668 -13.53 26.91 33.62
N GLU A 669 -13.23 25.62 33.79
CA GLU A 669 -12.06 25.21 34.58
C GLU A 669 -10.79 25.82 33.99
N LEU A 670 -10.64 25.74 32.68
CA LEU A 670 -9.42 26.22 32.00
C LEU A 670 -9.22 27.75 32.09
N LEU A 671 -10.30 28.51 31.94
CA LEU A 671 -10.25 30.00 31.94
C LEU A 671 -10.30 30.75 33.31
C1 EDO B . 10.34 -1.11 -11.45
O1 EDO B . 10.08 0.29 -11.56
C2 EDO B . 11.64 -1.33 -10.71
O2 EDO B . 12.72 -0.49 -11.15
CA CA C . 10.87 -34.48 -8.85
CA CA D . -6.69 21.05 -15.34
#